data_2QMJ
#
_entry.id   2QMJ
#
_cell.length_a   86.970
_cell.length_b   109.367
_cell.length_c   109.271
_cell.angle_alpha   90.00
_cell.angle_beta   90.00
_cell.angle_gamma   90.00
#
_symmetry.space_group_name_H-M   'P 21 21 21'
#
loop_
_entity.id
_entity.type
_entity.pdbx_description
1 polymer 'Maltase-glucoamylase, intestinal'
2 branched 2-acetamido-2-deoxy-beta-D-glucopyranose-(1-4)-2-acetamido-2-deoxy-beta-D-glucopyranose
3 branched 4,6-dideoxy-4-{[(1S,4R,5S,6S)-4,5,6-trihydroxy-3-(hydroxymethyl)cyclohex-2-en-1-yl]amino}-alpha-D-glucopyranose-(1-4)-alpha-D-glucopyranose-(1-4)-alpha-D-glucopyranose
4 non-polymer 2-acetamido-2-deoxy-beta-D-glucopyranose
5 non-polymer GLYCEROL
6 non-polymer 'SULFATE ION'
7 water water
#
_entity_poly.entity_id   1
_entity_poly.type   'polypeptide(L)'
_entity_poly.pdbx_seq_one_letter_code
;SAECPVVNELERINCIPDQPPTKATCDQRGCCWNPQGAVSVPWCYYSKNHSYHVEGNLVNTNAGFTARLKNLPSSPVFGS
NVDNVLLTAEYQTSNRFHFKLTDQTNNRFEVPHEHVQSFSGNAAASLTYQVEISRQPFSIKVTRRSNNRVLFDSSIGPLL
FADQFLQLSTRLPSTNVYGLGEHVHQQYRHDMNWKTWPIFNRDTTPNGNGTNLYGAQTFFLCLEDASGLSFGVFLMNSNA
MEVVLQPAPAITYRTIGGILDFYVFLGNTPEQVVQEYLELIGRPALPSYWALGFHLSRYEYGTLDNMREVVERNRAAQLP
YDVQHADIDYMDERRDFTYDSVDFKGFPEFVNELHNNGQKLVIIVDPAISNNSSSSKPYGPYDRGSDMKIWVNSSDGVTP
LIGEVWPGQTVFPDYTNPNCAVWWTKEFELFHNQVEFDGIWIDMNEVSNFVDGSVSGCSTNNLNNPPFTPRILDGYLFCK
TLCMDAVQHWGKQYDIHNLYGYSMAVATAEAAKTVFPNKRSFILTRSTFAGSGKFAAHWLGDNTATWDDLRWSIPGVLEF
NLFGIPMVGPDICGFALDTPEELCRRWMQLGAFYPFSRNHNGQGYKDQDPASFGADSLLLNSSRHYLNIRYTLLPYLYTL
FFRAHSRGDTVARPLLHEFYEDNSTWDVHQQFLWGPGLLITPVLDEGAEKVMAYVPDAVWYDYETGSQVRWRKQKVEMEL
PGDKIGLHLRGGYIFPTQQPNTTTLASRKNPLGLIIALDENKEAKGELFWDDGETKDTVANKVYLLCEFSVTQNRLEVNI
SQSTYKDPNNLAFNEIKILGTEEPSNVTVKHNGVPSQTSPTVTYDSNLKVAIITDIDLLLGEAYTVEWAH
;
_entity_poly.pdbx_strand_id   A
#
loop_
_chem_comp.id
_chem_comp.type
_chem_comp.name
_chem_comp.formula
AC1 D-saccharide 4,6-dideoxy-4-{[(1S,4R,5S,6S)-4,5,6-trihydroxy-3-(hydroxymethyl)cyclohex-2-en-1-yl]amino}-alpha-D-glucopyranose 'C13 H23 N O8'
GLC D-saccharide, alpha linking alpha-D-glucopyranose 'C6 H12 O6'
GOL non-polymer GLYCEROL 'C3 H8 O3'
NAG D-saccharide, beta linking 2-acetamido-2-deoxy-beta-D-glucopyranose 'C8 H15 N O6'
SO4 non-polymer 'SULFATE ION' 'O4 S -2'
#
# COMPACT_ATOMS: atom_id res chain seq x y z
N VAL A 7 24.61 -28.52 -11.26
CA VAL A 7 23.80 -28.15 -10.05
C VAL A 7 22.43 -28.84 -10.02
N ASN A 8 21.90 -29.05 -8.81
CA ASN A 8 20.47 -29.27 -8.58
C ASN A 8 19.69 -28.40 -9.56
N GLU A 9 18.76 -28.98 -10.30
CA GLU A 9 18.05 -28.22 -11.31
C GLU A 9 17.23 -27.02 -10.79
N LEU A 10 16.76 -27.08 -9.53
CA LEU A 10 16.00 -25.97 -8.96
C LEU A 10 16.87 -24.74 -8.74
N GLU A 11 18.19 -24.96 -8.73
CA GLU A 11 19.15 -23.87 -8.50
C GLU A 11 19.71 -23.28 -9.79
N ARG A 12 19.26 -23.80 -10.94
CA ARG A 12 19.77 -23.24 -12.22
C ARG A 12 19.26 -21.84 -12.47
N ILE A 13 20.15 -20.94 -12.88
CA ILE A 13 19.80 -19.55 -13.10
C ILE A 13 19.81 -19.38 -14.63
N ASN A 14 18.68 -18.98 -15.18
CA ASN A 14 18.41 -19.07 -16.59
C ASN A 14 19.32 -18.07 -17.31
N CYS A 15 20.08 -18.56 -18.28
CA CYS A 15 21.03 -17.77 -19.09
C CYS A 15 20.39 -17.28 -20.41
N ILE A 16 19.18 -17.76 -20.69
CA ILE A 16 18.48 -17.35 -21.91
C ILE A 16 17.08 -16.87 -21.52
N PRO A 17 17.01 -15.68 -20.90
CA PRO A 17 15.73 -15.13 -20.49
C PRO A 17 14.93 -14.51 -21.66
N ASP A 18 15.59 -14.31 -22.81
CA ASP A 18 15.13 -13.42 -23.87
C ASP A 18 14.57 -14.11 -25.12
N GLN A 19 14.66 -15.44 -25.15
CA GLN A 19 14.28 -16.22 -26.34
C GLN A 19 14.06 -17.70 -26.01
N PRO A 20 13.44 -18.48 -26.95
CA PRO A 20 13.39 -19.93 -26.66
C PRO A 20 14.82 -20.51 -26.64
N PRO A 21 15.16 -21.36 -25.64
CA PRO A 21 16.54 -21.81 -25.38
C PRO A 21 17.08 -22.67 -26.54
N THR A 22 18.26 -22.35 -27.04
CA THR A 22 18.91 -23.22 -28.00
C THR A 22 20.34 -23.53 -27.52
N LYS A 23 20.85 -24.69 -27.89
CA LYS A 23 22.25 -25.01 -27.60
C LYS A 23 23.17 -24.00 -28.28
N ALA A 24 22.84 -23.53 -29.49
CA ALA A 24 23.73 -22.60 -30.17
C ALA A 24 23.90 -21.31 -29.38
N THR A 25 22.79 -20.73 -28.91
CA THR A 25 22.88 -19.53 -28.09
C THR A 25 23.57 -19.84 -26.75
N CYS A 26 23.26 -20.98 -26.17
CA CYS A 26 23.88 -21.38 -24.91
C CYS A 26 25.40 -21.40 -25.05
N ASP A 27 25.89 -22.06 -26.10
CA ASP A 27 27.35 -22.15 -26.36
C ASP A 27 27.97 -20.77 -26.58
N GLN A 28 27.34 -19.92 -27.39
CA GLN A 28 27.86 -18.55 -27.63
C GLN A 28 27.99 -17.74 -26.32
N ARG A 29 27.10 -18.03 -25.38
CA ARG A 29 27.06 -17.25 -24.14
C ARG A 29 27.94 -17.86 -23.05
N GLY A 30 28.52 -19.01 -23.34
CA GLY A 30 29.41 -19.66 -22.40
C GLY A 30 28.63 -20.27 -21.25
N CYS A 31 27.39 -20.67 -21.50
CA CYS A 31 26.53 -21.21 -20.43
C CYS A 31 26.44 -22.72 -20.48
N CYS A 32 25.68 -23.32 -19.57
CA CYS A 32 25.54 -24.76 -19.47
C CYS A 32 24.26 -25.20 -20.14
N TRP A 33 24.30 -26.34 -20.85
CA TRP A 33 23.15 -26.86 -21.59
C TRP A 33 22.67 -28.23 -21.06
N ASN A 34 21.41 -28.33 -20.62
CA ASN A 34 20.87 -29.61 -20.16
C ASN A 34 19.36 -29.57 -20.30
N PRO A 35 18.83 -29.94 -21.49
CA PRO A 35 17.40 -29.91 -21.69
C PRO A 35 16.61 -30.92 -20.88
N GLN A 36 17.25 -31.87 -20.19
CA GLN A 36 16.49 -33.00 -19.61
C GLN A 36 15.74 -32.69 -18.29
N GLY A 37 15.56 -31.42 -17.95
CA GLY A 37 14.84 -31.04 -16.72
C GLY A 37 13.31 -31.22 -16.76
N ALA A 38 12.64 -30.81 -15.68
CA ALA A 38 11.17 -30.71 -15.61
C ALA A 38 10.66 -29.40 -16.24
N VAL A 39 9.34 -29.26 -16.35
CA VAL A 39 8.78 -28.01 -16.92
C VAL A 39 9.34 -26.74 -16.25
N SER A 40 9.72 -25.77 -17.07
CA SER A 40 10.18 -24.44 -16.62
C SER A 40 11.60 -24.44 -16.05
N VAL A 41 12.17 -25.61 -15.79
CA VAL A 41 13.60 -25.69 -15.43
C VAL A 41 14.40 -25.20 -16.65
N PRO A 42 15.27 -24.19 -16.48
CA PRO A 42 15.95 -23.62 -17.64
C PRO A 42 16.87 -24.64 -18.29
N TRP A 43 16.74 -24.79 -19.61
CA TRP A 43 17.62 -25.69 -20.37
C TRP A 43 19.05 -25.14 -20.42
N CYS A 44 19.15 -23.82 -20.38
CA CYS A 44 20.43 -23.15 -20.43
C CYS A 44 20.58 -22.27 -19.20
N TYR A 45 21.65 -22.52 -18.44
CA TYR A 45 21.83 -21.84 -17.16
C TYR A 45 23.28 -21.48 -16.96
N TYR A 46 23.52 -20.50 -16.10
CA TYR A 46 24.85 -19.94 -15.95
C TYR A 46 25.82 -20.93 -15.35
N SER A 47 27.05 -20.92 -15.86
CA SER A 47 28.11 -21.78 -15.32
C SER A 47 28.65 -21.21 -14.01
N LYS A 48 29.39 -22.05 -13.29
CA LYS A 48 29.89 -21.77 -11.92
C LYS A 48 30.87 -20.60 -11.77
N ASN A 49 31.39 -20.09 -12.88
CA ASN A 49 32.39 -19.05 -12.84
C ASN A 49 32.25 -18.38 -14.17
N HIS A 50 31.73 -17.17 -14.14
CA HIS A 50 31.26 -16.49 -15.35
C HIS A 50 31.58 -15.00 -15.21
N SER A 51 31.42 -14.50 -13.98
CA SER A 51 31.04 -13.10 -13.78
C SER A 51 32.16 -12.15 -13.34
N TYR A 52 32.13 -11.72 -12.09
CA TYR A 52 33.07 -10.74 -11.58
C TYR A 52 33.96 -11.39 -10.56
N HIS A 53 35.16 -10.87 -10.40
CA HIS A 53 35.97 -11.27 -9.28
C HIS A 53 36.44 -10.04 -8.55
N VAL A 54 36.66 -10.19 -7.27
CA VAL A 54 37.22 -9.12 -6.47
C VAL A 54 38.69 -8.92 -6.90
N GLU A 55 39.06 -7.68 -7.15
CA GLU A 55 40.41 -7.32 -7.47
C GLU A 55 41.08 -6.70 -6.23
N GLY A 56 42.07 -7.40 -5.69
CA GLY A 56 42.84 -6.87 -4.59
C GLY A 56 42.07 -6.94 -3.27
N ASN A 57 42.37 -6.04 -2.36
CA ASN A 57 41.79 -6.09 -1.01
C ASN A 57 40.54 -5.25 -0.89
N LEU A 58 39.62 -5.68 -0.03
CA LEU A 58 38.57 -4.83 0.48
C LEU A 58 39.17 -3.74 1.34
N VAL A 59 38.57 -2.56 1.25
CA VAL A 59 39.01 -1.40 2.03
C VAL A 59 37.96 -1.04 3.08
N ASN A 60 38.33 -1.00 4.35
CA ASN A 60 37.45 -0.42 5.39
C ASN A 60 37.19 1.04 5.20
N THR A 61 35.94 1.43 5.41
CA THR A 61 35.53 2.82 5.36
C THR A 61 34.85 3.04 6.71
N ASN A 62 34.59 4.29 7.05
CA ASN A 62 33.83 4.61 8.28
C ASN A 62 32.49 3.87 8.38
N ALA A 63 31.80 3.74 7.24
CA ALA A 63 30.45 3.15 7.15
C ALA A 63 30.43 1.63 6.99
N GLY A 64 31.52 1.06 6.46
CA GLY A 64 31.61 -0.36 6.15
C GLY A 64 32.86 -0.69 5.36
N PHE A 65 32.70 -0.99 4.08
CA PHE A 65 33.85 -1.31 3.21
C PHE A 65 33.51 -1.09 1.76
N THR A 66 34.57 -0.98 0.95
CA THR A 66 34.42 -1.06 -0.50
C THR A 66 35.29 -2.16 -1.10
N ALA A 67 34.86 -2.66 -2.26
CA ALA A 67 35.62 -3.60 -3.04
C ALA A 67 35.59 -3.18 -4.50
N ARG A 68 36.67 -3.47 -5.19
CA ARG A 68 36.71 -3.32 -6.65
CA ARG A 68 36.72 -3.31 -6.65
C ARG A 68 36.46 -4.68 -7.26
N LEU A 69 35.45 -4.75 -8.15
CA LEU A 69 35.14 -5.95 -8.87
C LEU A 69 35.58 -5.79 -10.32
N LYS A 70 36.19 -6.83 -10.87
CA LYS A 70 36.69 -6.75 -12.22
C LYS A 70 35.96 -7.82 -13.02
N ASN A 71 35.50 -7.44 -14.20
CA ASN A 71 34.80 -8.36 -15.08
C ASN A 71 35.75 -9.43 -15.59
N LEU A 72 35.39 -10.68 -15.33
CA LEU A 72 36.03 -11.85 -15.95
C LEU A 72 35.54 -11.95 -17.40
N PRO A 73 36.47 -12.12 -18.36
CA PRO A 73 36.13 -12.00 -19.79
C PRO A 73 34.85 -12.78 -20.15
N SER A 74 33.95 -12.13 -20.89
CA SER A 74 32.59 -12.65 -21.03
C SER A 74 31.93 -12.15 -22.31
N SER A 75 31.04 -12.97 -22.90
CA SER A 75 30.36 -12.61 -24.16
C SER A 75 29.35 -11.45 -23.94
N PRO A 76 29.26 -10.50 -24.89
CA PRO A 76 28.44 -9.31 -24.64
C PRO A 76 26.99 -9.45 -25.13
N VAL A 77 26.16 -10.15 -24.36
CA VAL A 77 24.80 -10.50 -24.77
C VAL A 77 23.85 -9.31 -24.93
N PHE A 78 23.70 -8.51 -23.88
CA PHE A 78 22.79 -7.38 -23.93
C PHE A 78 23.59 -6.10 -23.94
N GLY A 79 24.69 -6.21 -24.68
CA GLY A 79 25.58 -5.10 -24.99
C GLY A 79 26.57 -4.73 -23.92
N SER A 80 26.81 -3.41 -23.88
CA SER A 80 27.86 -2.69 -23.16
C SER A 80 28.11 -3.03 -21.68
N ASN A 81 28.94 -4.04 -21.47
CA ASN A 81 29.33 -4.54 -20.16
C ASN A 81 30.23 -3.60 -19.34
N VAL A 82 30.18 -3.72 -18.01
CA VAL A 82 30.87 -2.76 -17.14
C VAL A 82 32.11 -3.45 -16.57
N ASP A 83 33.29 -3.00 -16.99
CA ASP A 83 34.55 -3.70 -16.69
C ASP A 83 34.99 -3.59 -15.23
N ASN A 84 34.85 -2.40 -14.66
CA ASN A 84 35.21 -2.17 -13.27
C ASN A 84 34.03 -1.70 -12.48
N VAL A 85 33.61 -2.55 -11.56
CA VAL A 85 32.44 -2.33 -10.72
C VAL A 85 32.92 -2.05 -9.29
N LEU A 86 32.28 -1.09 -8.62
CA LEU A 86 32.62 -0.77 -7.27
C LEU A 86 31.48 -1.29 -6.43
N LEU A 87 31.84 -2.05 -5.40
CA LEU A 87 30.93 -2.41 -4.32
C LEU A 87 31.17 -1.46 -3.14
N THR A 88 30.11 -0.82 -2.68
CA THR A 88 30.15 0.01 -1.50
C THR A 88 29.12 -0.60 -0.54
N ALA A 89 29.58 -0.94 0.67
CA ALA A 89 28.75 -1.58 1.69
C ALA A 89 28.71 -0.72 2.93
N GLU A 90 27.52 -0.54 3.50
CA GLU A 90 27.38 0.33 4.66
C GLU A 90 26.56 -0.40 5.71
N TYR A 91 27.12 -0.53 6.92
CA TYR A 91 26.41 -1.12 8.06
C TYR A 91 25.61 0.02 8.68
N GLN A 92 24.50 0.34 8.04
CA GLN A 92 23.74 1.53 8.41
C GLN A 92 23.10 1.47 9.80
N THR A 93 22.51 0.35 10.15
CA THR A 93 21.95 0.22 11.49
C THR A 93 22.13 -1.20 11.91
N SER A 94 21.80 -1.50 13.16
CA SER A 94 21.88 -2.86 13.62
C SER A 94 21.02 -3.83 12.82
N ASN A 95 19.95 -3.31 12.20
CA ASN A 95 19.03 -4.15 11.47
C ASN A 95 18.93 -3.89 9.98
N ARG A 96 19.80 -3.02 9.44
CA ARG A 96 19.65 -2.64 8.03
C ARG A 96 21.04 -2.56 7.43
N PHE A 97 21.24 -3.32 6.35
CA PHE A 97 22.46 -3.33 5.63
C PHE A 97 22.18 -2.69 4.27
N HIS A 98 23.15 -1.94 3.77
CA HIS A 98 22.96 -1.31 2.49
C HIS A 98 24.18 -1.70 1.65
N PHE A 99 23.97 -2.23 0.46
CA PHE A 99 25.10 -2.33 -0.48
C PHE A 99 24.74 -1.86 -1.88
N LYS A 100 25.71 -1.28 -2.58
CA LYS A 100 25.46 -0.84 -3.93
C LYS A 100 26.60 -1.16 -4.88
N LEU A 101 26.21 -1.48 -6.11
CA LEU A 101 27.19 -1.89 -7.11
C LEU A 101 27.06 -0.80 -8.15
N THR A 102 28.14 -0.12 -8.43
CA THR A 102 28.14 0.99 -9.39
C THR A 102 29.26 0.77 -10.39
N ASP A 103 29.30 1.60 -11.42
CA ASP A 103 30.41 1.60 -12.38
C ASP A 103 31.53 2.45 -11.75
N GLN A 104 32.66 1.81 -11.50
CA GLN A 104 33.78 2.43 -10.80
C GLN A 104 34.19 3.72 -11.50
N THR A 105 34.03 3.75 -12.84
CA THR A 105 34.58 4.80 -13.70
C THR A 105 33.55 5.75 -14.30
N ASN A 106 32.24 5.47 -14.13
CA ASN A 106 31.21 6.38 -14.61
C ASN A 106 30.03 6.53 -13.66
N ASN A 107 29.52 7.74 -13.54
CA ASN A 107 28.29 7.99 -12.84
C ASN A 107 27.12 7.40 -13.61
N ARG A 108 26.25 6.68 -12.92
CA ARG A 108 25.06 6.12 -13.55
C ARG A 108 23.80 6.67 -12.86
N PHE A 109 22.63 6.48 -13.46
CA PHE A 109 21.43 7.06 -12.91
C PHE A 109 21.13 6.39 -11.55
N GLU A 110 20.86 7.18 -10.52
CA GLU A 110 20.48 6.66 -9.20
C GLU A 110 19.19 7.33 -8.84
N VAL A 111 18.24 6.61 -8.23
CA VAL A 111 16.91 7.16 -7.95
C VAL A 111 17.03 8.38 -7.03
N PRO A 112 16.51 9.54 -7.45
CA PRO A 112 16.58 10.70 -6.57
C PRO A 112 15.44 10.70 -5.54
N HIS A 113 15.44 9.71 -4.68
CA HIS A 113 14.34 9.58 -3.73
C HIS A 113 14.16 10.80 -2.84
N GLU A 114 12.91 11.12 -2.51
CA GLU A 114 12.61 12.32 -1.74
C GLU A 114 12.87 12.06 -0.26
N HIS A 115 12.71 10.83 0.21
CA HIS A 115 12.91 10.59 1.64
C HIS A 115 14.32 10.06 1.96
N VAL A 116 14.77 9.06 1.21
CA VAL A 116 16.00 8.36 1.52
C VAL A 116 17.15 9.35 1.32
N GLN A 117 18.05 9.37 2.29
CA GLN A 117 19.26 10.20 2.23
C GLN A 117 20.49 9.37 2.11
N SER A 118 21.55 9.96 1.56
CA SER A 118 22.83 9.28 1.57
C SER A 118 23.31 9.18 3.01
N PHE A 119 23.96 8.07 3.29
CA PHE A 119 24.48 7.80 4.58
C PHE A 119 25.81 8.51 4.79
N SER A 120 25.93 9.20 5.91
CA SER A 120 27.22 9.71 6.37
C SER A 120 27.33 9.21 7.79
N GLY A 121 28.55 9.03 8.28
CA GLY A 121 28.63 8.45 9.62
C GLY A 121 29.12 7.02 9.60
N ASN A 122 29.01 6.36 10.75
CA ASN A 122 29.87 5.23 10.98
C ASN A 122 29.09 3.95 11.07
N ALA A 123 29.75 2.86 10.73
CA ALA A 123 29.16 1.53 10.83
C ALA A 123 28.47 1.36 12.19
N ALA A 124 27.32 0.70 12.21
CA ALA A 124 26.55 0.58 13.44
C ALA A 124 27.18 -0.48 14.34
N ALA A 125 26.98 -0.31 15.64
CA ALA A 125 27.40 -1.28 16.64
C ALA A 125 26.31 -2.35 16.79
N SER A 126 26.68 -3.52 17.32
CA SER A 126 25.69 -4.54 17.70
C SER A 126 24.84 -4.99 16.52
N LEU A 127 25.51 -5.38 15.43
CA LEU A 127 24.77 -5.79 14.23
C LEU A 127 24.03 -7.09 14.50
N THR A 128 22.81 -7.22 13.96
CA THR A 128 22.09 -8.50 14.03
C THR A 128 22.50 -9.40 12.87
N TYR A 129 23.31 -8.86 11.95
CA TYR A 129 23.69 -9.63 10.77
C TYR A 129 25.23 -9.64 10.57
N GLN A 130 25.70 -10.54 9.71
CA GLN A 130 27.11 -10.54 9.29
C GLN A 130 27.14 -10.56 7.76
N VAL A 131 28.16 -9.95 7.19
CA VAL A 131 28.30 -9.90 5.74
C VAL A 131 29.59 -10.66 5.40
N GLU A 132 29.54 -11.44 4.34
CA GLU A 132 30.68 -12.23 3.91
C GLU A 132 30.82 -12.02 2.40
N ILE A 133 32.04 -11.72 1.97
CA ILE A 133 32.31 -11.51 0.54
C ILE A 133 33.24 -12.63 0.08
N SER A 134 32.88 -13.31 -1.01
CA SER A 134 33.74 -14.25 -1.69
C SER A 134 34.31 -13.52 -2.88
N ARG A 135 35.55 -13.83 -3.22
CA ARG A 135 36.31 -13.09 -4.20
C ARG A 135 36.28 -13.71 -5.58
N GLN A 136 36.39 -15.02 -5.63
CA GLN A 136 36.71 -15.68 -6.92
C GLN A 136 35.80 -16.88 -7.11
N PRO A 137 34.60 -16.68 -7.65
CA PRO A 137 34.00 -15.48 -8.19
C PRO A 137 33.31 -14.63 -7.09
N PHE A 138 32.99 -13.37 -7.43
CA PHE A 138 32.37 -12.48 -6.45
C PHE A 138 31.04 -13.03 -5.99
N SER A 139 30.84 -13.07 -4.68
CA SER A 139 29.50 -13.14 -4.16
C SER A 139 29.39 -12.43 -2.83
N ILE A 140 28.17 -12.11 -2.44
CA ILE A 140 27.91 -11.43 -1.19
C ILE A 140 26.83 -12.21 -0.46
N LYS A 141 27.03 -12.34 0.83
CA LYS A 141 26.13 -13.13 1.65
C LYS A 141 25.84 -12.33 2.92
N VAL A 142 24.59 -12.36 3.37
CA VAL A 142 24.22 -11.72 4.61
C VAL A 142 23.56 -12.81 5.44
N THR A 143 24.08 -13.02 6.64
CA THR A 143 23.62 -14.08 7.51
C THR A 143 23.14 -13.44 8.79
N ARG A 144 22.19 -14.09 9.42
CA ARG A 144 21.70 -13.64 10.69
C ARG A 144 22.69 -14.13 11.75
N ARG A 145 23.18 -13.23 12.58
CA ARG A 145 24.24 -13.58 13.55
C ARG A 145 23.76 -14.62 14.56
N SER A 146 22.53 -14.46 15.03
CA SER A 146 22.06 -15.33 16.13
C SER A 146 22.06 -16.83 15.76
N ASN A 147 21.60 -17.18 14.57
CA ASN A 147 21.51 -18.61 14.20
C ASN A 147 22.32 -18.97 12.95
N ASN A 148 23.10 -18.01 12.47
CA ASN A 148 23.85 -18.13 11.23
C ASN A 148 23.01 -18.51 10.02
N ARG A 149 21.75 -18.10 10.01
CA ARG A 149 20.86 -18.46 8.89
C ARG A 149 21.30 -17.58 7.73
N VAL A 150 21.55 -18.18 6.59
CA VAL A 150 21.93 -17.37 5.41
C VAL A 150 20.67 -16.74 4.85
N LEU A 151 20.67 -15.41 4.76
CA LEU A 151 19.47 -14.68 4.34
C LEU A 151 19.58 -14.28 2.88
N PHE A 152 20.61 -13.51 2.59
CA PHE A 152 20.93 -13.08 1.23
C PHE A 152 22.22 -13.83 0.85
N ASP A 153 22.26 -14.40 -0.35
CA ASP A 153 23.42 -15.15 -0.79
C ASP A 153 23.38 -15.09 -2.30
N SER A 154 24.14 -14.19 -2.89
CA SER A 154 24.18 -14.09 -4.34
C SER A 154 24.95 -15.21 -5.07
N SER A 155 25.61 -16.10 -4.33
CA SER A 155 26.49 -17.10 -4.95
C SER A 155 25.75 -18.10 -5.84
N ILE A 156 24.42 -18.11 -5.80
CA ILE A 156 23.64 -19.00 -6.68
C ILE A 156 23.81 -18.60 -8.17
N GLY A 157 24.13 -17.35 -8.42
CA GLY A 157 24.18 -16.92 -9.79
C GLY A 157 25.24 -15.86 -9.95
N PRO A 158 25.40 -15.43 -11.19
CA PRO A 158 26.36 -14.38 -11.52
C PRO A 158 25.92 -12.96 -11.09
N LEU A 159 26.87 -12.01 -11.04
CA LEU A 159 26.50 -10.63 -11.09
C LEU A 159 26.64 -10.29 -12.56
N LEU A 160 25.60 -9.69 -13.16
CA LEU A 160 25.68 -9.19 -14.55
C LEU A 160 25.50 -7.72 -14.47
N PHE A 161 26.31 -6.96 -15.21
CA PHE A 161 26.27 -5.53 -15.10
C PHE A 161 26.67 -4.91 -16.44
N ALA A 162 25.72 -4.82 -17.37
CA ALA A 162 25.90 -4.06 -18.60
C ALA A 162 25.09 -2.79 -18.47
N ASP A 163 25.32 -1.85 -19.37
CA ASP A 163 24.65 -0.57 -19.29
C ASP A 163 23.13 -0.72 -19.23
N GLN A 164 22.59 -1.70 -19.97
CA GLN A 164 21.13 -1.85 -20.04
C GLN A 164 20.74 -3.24 -19.66
N PHE A 165 21.56 -3.87 -18.82
CA PHE A 165 21.20 -5.18 -18.30
C PHE A 165 21.96 -5.46 -17.02
N LEU A 166 21.24 -5.49 -15.90
CA LEU A 166 21.90 -5.69 -14.59
C LEU A 166 21.12 -6.78 -13.87
N GLN A 167 21.80 -7.77 -13.33
CA GLN A 167 21.10 -8.87 -12.69
C GLN A 167 21.89 -9.35 -11.44
N LEU A 168 21.18 -9.63 -10.36
CA LEU A 168 21.78 -10.33 -9.24
C LEU A 168 20.70 -11.23 -8.66
N SER A 169 21.12 -12.38 -8.16
CA SER A 169 20.20 -13.32 -7.59
C SER A 169 20.52 -13.47 -6.11
N THR A 170 19.59 -14.01 -5.34
CA THR A 170 19.88 -14.42 -3.99
C THR A 170 19.12 -15.71 -3.68
N ARG A 171 19.78 -16.63 -3.02
CA ARG A 171 19.07 -17.73 -2.36
C ARG A 171 18.16 -17.14 -1.30
N LEU A 172 17.16 -17.93 -0.90
CA LEU A 172 16.26 -17.52 0.18
C LEU A 172 16.20 -18.66 1.14
N PRO A 173 15.98 -18.36 2.43
CA PRO A 173 15.95 -19.41 3.47
C PRO A 173 14.63 -20.13 3.59
N SER A 174 13.59 -19.65 2.89
CA SER A 174 12.27 -20.28 2.95
C SER A 174 11.46 -19.88 1.72
N THR A 175 10.33 -20.56 1.54
CA THR A 175 9.40 -20.17 0.49
C THR A 175 8.29 -19.23 0.98
N ASN A 176 8.41 -18.71 2.21
CA ASN A 176 7.37 -17.83 2.74
C ASN A 176 7.79 -16.44 2.31
N VAL A 177 7.45 -16.07 1.09
CA VAL A 177 7.89 -14.82 0.44
C VAL A 177 6.65 -14.00 0.07
N TYR A 178 6.63 -12.75 0.51
CA TYR A 178 5.43 -11.92 0.35
C TYR A 178 5.89 -10.59 -0.20
N GLY A 179 5.16 -10.00 -1.13
CA GLY A 179 5.60 -8.67 -1.63
C GLY A 179 5.75 -8.57 -3.13
N LEU A 180 6.47 -7.56 -3.58
CA LEU A 180 6.57 -7.22 -5.00
C LEU A 180 5.29 -6.64 -5.57
N GLY A 181 5.41 -5.72 -6.52
CA GLY A 181 4.20 -5.16 -7.04
C GLY A 181 4.58 -4.16 -8.13
N GLU A 182 3.60 -3.54 -8.77
CA GLU A 182 2.17 -3.83 -8.53
C GLU A 182 1.62 -4.91 -9.45
N HIS A 183 1.00 -5.95 -8.88
CA HIS A 183 0.55 -7.07 -9.70
C HIS A 183 -0.71 -7.60 -9.02
N VAL A 184 -1.44 -8.41 -9.79
CA VAL A 184 -2.44 -9.29 -9.20
C VAL A 184 -1.78 -10.68 -9.07
N HIS A 185 -1.34 -11.02 -7.86
CA HIS A 185 -0.64 -12.29 -7.60
C HIS A 185 -1.63 -13.42 -7.40
N GLN A 186 -2.88 -13.06 -7.12
CA GLN A 186 -3.99 -14.00 -6.85
C GLN A 186 -3.84 -14.71 -5.54
N GLN A 187 -2.62 -14.95 -5.08
CA GLN A 187 -2.43 -15.48 -3.73
C GLN A 187 -1.48 -14.53 -3.02
N TYR A 188 -1.32 -14.65 -1.71
CA TYR A 188 -0.45 -13.76 -0.98
C TYR A 188 0.98 -14.32 -0.84
N ARG A 189 1.12 -15.55 -0.38
CA ARG A 189 2.43 -16.18 -0.35
C ARG A 189 2.82 -16.55 -1.77
N HIS A 190 4.02 -16.18 -2.14
CA HIS A 190 4.42 -16.40 -3.52
C HIS A 190 4.51 -17.82 -3.99
N ASP A 191 3.95 -18.05 -5.18
CA ASP A 191 4.28 -19.22 -5.94
C ASP A 191 5.75 -19.10 -6.37
N MET A 192 6.60 -19.90 -5.71
CA MET A 192 8.06 -19.97 -6.00
C MET A 192 8.36 -20.90 -7.17
N ASN A 193 7.32 -21.38 -7.87
CA ASN A 193 7.52 -22.32 -8.96
C ASN A 193 7.82 -21.70 -10.35
N TRP A 194 9.00 -21.15 -10.50
CA TRP A 194 9.45 -20.57 -11.77
C TRP A 194 8.44 -19.55 -12.25
N LYS A 195 8.43 -18.39 -11.63
CA LYS A 195 7.49 -17.30 -11.99
C LYS A 195 8.27 -16.03 -12.21
N THR A 196 7.94 -15.30 -13.27
CA THR A 196 8.59 -14.02 -13.55
C THR A 196 7.56 -12.86 -13.49
N TRP A 197 7.86 -11.82 -12.70
CA TRP A 197 6.97 -10.68 -12.46
C TRP A 197 7.58 -9.41 -12.99
N PRO A 198 7.02 -8.87 -14.08
CA PRO A 198 7.59 -7.66 -14.61
C PRO A 198 7.11 -6.44 -13.80
N ILE A 199 7.94 -5.43 -13.63
CA ILE A 199 7.58 -4.26 -12.90
C ILE A 199 7.90 -3.06 -13.78
N PHE A 200 6.84 -2.36 -14.19
CA PHE A 200 7.00 -1.17 -15.03
C PHE A 200 5.63 -0.53 -15.08
N ASN A 201 5.55 0.68 -14.54
CA ASN A 201 4.28 1.33 -14.28
C ASN A 201 3.46 1.43 -15.54
N ARG A 202 2.28 0.88 -15.46
CA ARG A 202 1.47 0.70 -16.68
C ARG A 202 -0.01 0.70 -16.37
N ASP A 203 -0.73 1.47 -17.17
CA ASP A 203 -2.18 1.48 -17.18
C ASP A 203 -2.67 0.21 -17.83
N THR A 204 -3.03 -0.79 -17.02
CA THR A 204 -3.73 -1.93 -17.54
C THR A 204 -4.55 -2.61 -16.53
N THR A 205 -5.35 -3.56 -16.99
CA THR A 205 -6.36 -4.12 -16.15
C THR A 205 -5.77 -5.09 -15.14
N PRO A 206 -6.08 -4.88 -13.85
CA PRO A 206 -5.69 -5.88 -12.86
C PRO A 206 -6.50 -7.14 -12.99
N ASN A 207 -6.04 -8.05 -13.82
CA ASN A 207 -6.81 -9.28 -14.08
C ASN A 207 -5.97 -10.52 -13.79
N GLY A 208 -6.40 -11.66 -14.31
CA GLY A 208 -5.68 -12.92 -14.12
C GLY A 208 -4.41 -13.13 -14.90
N ASN A 209 -4.00 -12.17 -15.72
CA ASN A 209 -2.83 -12.34 -16.59
C ASN A 209 -1.47 -12.04 -15.99
N GLY A 210 -1.46 -11.55 -14.75
CA GLY A 210 -0.20 -11.34 -14.04
C GLY A 210 0.79 -10.40 -14.70
N THR A 211 0.28 -9.34 -15.33
CA THR A 211 1.12 -8.28 -15.91
C THR A 211 1.65 -7.25 -14.91
N ASN A 212 2.57 -6.40 -15.39
CA ASN A 212 2.88 -5.20 -14.65
C ASN A 212 1.65 -4.30 -14.61
N LEU A 213 1.45 -3.62 -13.50
CA LEU A 213 0.30 -2.73 -13.36
C LEU A 213 0.79 -1.33 -12.99
N TYR A 214 0.01 -0.57 -12.25
CA TYR A 214 0.19 0.87 -12.18
C TYR A 214 1.44 1.34 -11.41
N GLY A 215 1.91 0.52 -10.44
CA GLY A 215 3.00 0.93 -9.55
C GLY A 215 4.24 0.04 -9.59
N ALA A 216 5.31 0.46 -8.92
CA ALA A 216 6.54 -0.28 -8.95
C ALA A 216 7.03 -0.44 -7.53
N GLN A 217 7.05 -1.68 -7.05
CA GLN A 217 7.34 -1.97 -5.63
C GLN A 217 8.27 -3.21 -5.56
N THR A 218 9.57 -2.99 -5.30
CA THR A 218 10.54 -4.07 -5.37
C THR A 218 10.74 -4.75 -3.99
N PHE A 219 10.11 -4.21 -2.97
CA PHE A 219 10.22 -4.81 -1.64
C PHE A 219 9.59 -6.21 -1.55
N PHE A 220 10.31 -7.12 -0.90
CA PHE A 220 9.65 -8.34 -0.41
C PHE A 220 10.08 -8.68 1.00
N LEU A 221 9.28 -9.52 1.68
CA LEU A 221 9.52 -9.93 3.03
C LEU A 221 9.55 -11.45 3.02
N CYS A 222 10.45 -12.02 3.80
CA CYS A 222 10.56 -13.47 3.95
C CYS A 222 10.48 -13.84 5.42
N LEU A 223 9.50 -14.67 5.73
CA LEU A 223 9.39 -15.27 7.07
C LEU A 223 10.24 -16.57 7.06
N GLU A 224 11.31 -16.55 7.84
CA GLU A 224 12.32 -17.60 7.86
C GLU A 224 11.80 -18.90 8.45
N ASP A 225 11.05 -18.82 9.55
CA ASP A 225 10.56 -20.03 10.22
C ASP A 225 9.52 -19.66 11.27
N ALA A 226 8.98 -20.67 11.93
CA ALA A 226 7.91 -20.47 12.90
C ALA A 226 8.29 -19.63 14.12
N SER A 227 9.57 -19.35 14.35
CA SER A 227 9.94 -18.48 15.45
C SER A 227 9.56 -17.01 15.20
N GLY A 228 9.30 -16.66 13.93
CA GLY A 228 8.92 -15.30 13.59
C GLY A 228 10.06 -14.56 12.91
N LEU A 229 11.28 -15.07 13.04
CA LEU A 229 12.45 -14.39 12.47
C LEU A 229 12.19 -14.19 10.97
N SER A 230 12.41 -12.96 10.49
CA SER A 230 12.00 -12.58 9.14
C SER A 230 13.03 -11.56 8.63
N PHE A 231 13.09 -11.39 7.31
CA PHE A 231 13.99 -10.32 6.79
C PHE A 231 13.32 -9.82 5.54
N GLY A 232 13.84 -8.71 4.99
CA GLY A 232 13.22 -8.22 3.80
C GLY A 232 14.31 -7.60 2.94
N VAL A 233 14.00 -7.37 1.70
CA VAL A 233 14.98 -6.84 0.74
C VAL A 233 14.30 -5.79 -0.12
N PHE A 234 15.00 -4.68 -0.41
CA PHE A 234 14.44 -3.67 -1.25
C PHE A 234 15.54 -3.29 -2.24
N LEU A 235 15.16 -3.16 -3.51
CA LEU A 235 16.07 -2.66 -4.56
C LEU A 235 15.63 -1.25 -4.93
N MET A 236 16.51 -0.25 -4.74
CA MET A 236 16.23 1.13 -5.06
C MET A 236 16.65 1.33 -6.52
N ASN A 237 15.73 1.07 -7.43
CA ASN A 237 15.97 1.12 -8.89
C ASN A 237 14.61 1.37 -9.50
N SER A 238 14.55 2.35 -10.39
CA SER A 238 13.31 2.68 -11.06
C SER A 238 13.22 2.38 -12.59
N ASN A 239 14.19 1.64 -13.14
CA ASN A 239 14.15 1.15 -14.53
C ASN A 239 13.19 -0.02 -14.66
N ALA A 240 12.76 -0.32 -15.89
CA ALA A 240 11.96 -1.54 -16.11
C ALA A 240 12.74 -2.72 -15.62
N MET A 241 12.04 -3.63 -14.95
CA MET A 241 12.72 -4.76 -14.45
C MET A 241 11.77 -5.93 -14.40
N GLU A 242 12.31 -7.10 -14.11
CA GLU A 242 11.46 -8.20 -13.73
C GLU A 242 12.10 -9.01 -12.61
N VAL A 243 11.27 -9.76 -11.91
CA VAL A 243 11.80 -10.46 -10.76
C VAL A 243 11.43 -11.89 -11.01
N VAL A 244 12.41 -12.78 -10.86
CA VAL A 244 12.24 -14.18 -11.23
C VAL A 244 12.29 -15.00 -9.95
N LEU A 245 11.26 -15.78 -9.74
CA LEU A 245 11.19 -16.57 -8.51
C LEU A 245 11.34 -17.99 -8.91
N GLN A 246 12.16 -18.74 -8.18
CA GLN A 246 12.31 -20.18 -8.49
C GLN A 246 12.40 -21.04 -7.24
N PRO A 247 12.15 -22.37 -7.36
CA PRO A 247 11.98 -23.20 -6.17
C PRO A 247 13.23 -23.61 -5.40
N ALA A 248 14.41 -23.16 -5.78
CA ALA A 248 15.65 -23.37 -5.00
C ALA A 248 15.48 -23.35 -3.46
N PRO A 249 14.77 -22.30 -2.86
CA PRO A 249 14.15 -21.09 -3.40
C PRO A 249 15.12 -19.96 -3.66
N ALA A 250 14.82 -19.13 -4.64
CA ALA A 250 15.72 -18.03 -4.96
C ALA A 250 14.96 -16.98 -5.69
N ILE A 251 15.49 -15.76 -5.69
CA ILE A 251 14.88 -14.69 -6.42
C ILE A 251 15.97 -14.01 -7.19
N THR A 252 15.67 -13.59 -8.41
CA THR A 252 16.60 -12.88 -9.26
C THR A 252 15.96 -11.56 -9.64
N TYR A 253 16.73 -10.48 -9.53
CA TYR A 253 16.30 -9.17 -10.00
C TYR A 253 17.05 -8.92 -11.29
N ARG A 254 16.33 -8.43 -12.30
CA ARG A 254 16.88 -8.23 -13.65
C ARG A 254 16.35 -6.87 -14.07
N THR A 255 17.20 -5.84 -14.13
CA THR A 255 16.73 -4.49 -14.48
C THR A 255 17.51 -3.98 -15.73
N ILE A 256 16.98 -2.99 -16.41
CA ILE A 256 17.59 -2.56 -17.69
C ILE A 256 18.23 -1.18 -17.59
N GLY A 257 18.49 -0.76 -16.36
CA GLY A 257 19.36 0.40 -16.22
C GLY A 257 19.66 0.70 -14.78
N GLY A 258 20.21 1.88 -14.58
CA GLY A 258 20.58 2.37 -13.25
C GLY A 258 21.63 1.52 -12.60
N ILE A 259 21.48 1.33 -11.29
CA ILE A 259 22.48 0.61 -10.53
C ILE A 259 21.79 -0.40 -9.60
N LEU A 260 22.57 -1.33 -9.08
CA LEU A 260 22.01 -2.30 -8.14
C LEU A 260 22.25 -1.69 -6.76
N ASP A 261 21.18 -1.18 -6.15
CA ASP A 261 21.27 -0.46 -4.89
C ASP A 261 20.31 -1.18 -3.95
N PHE A 262 20.87 -2.01 -3.05
CA PHE A 262 20.10 -2.99 -2.26
C PHE A 262 20.11 -2.65 -0.79
N TYR A 263 18.99 -2.89 -0.12
CA TYR A 263 18.93 -2.80 1.36
C TYR A 263 18.41 -4.14 1.84
N VAL A 264 18.94 -4.59 2.97
CA VAL A 264 18.55 -5.87 3.53
C VAL A 264 18.17 -5.52 4.98
N PHE A 265 17.03 -6.04 5.45
CA PHE A 265 16.44 -5.61 6.74
C PHE A 265 16.22 -6.87 7.54
N LEU A 266 16.52 -6.88 8.85
CA LEU A 266 16.24 -8.09 9.64
C LEU A 266 15.28 -7.70 10.73
N GLY A 267 14.40 -8.60 11.12
CA GLY A 267 13.56 -8.33 12.28
C GLY A 267 13.28 -9.61 13.00
N ASN A 268 12.76 -9.48 14.22
CA ASN A 268 12.39 -10.64 14.98
C ASN A 268 11.02 -11.18 14.62
N THR A 269 10.26 -10.39 13.87
CA THR A 269 8.89 -10.75 13.48
C THR A 269 8.66 -10.12 12.10
N PRO A 270 7.63 -10.58 11.36
CA PRO A 270 7.31 -9.89 10.10
C PRO A 270 7.01 -8.40 10.26
N GLU A 271 6.29 -8.04 11.32
CA GLU A 271 6.02 -6.60 11.53
C GLU A 271 7.28 -5.76 11.70
N GLN A 272 8.29 -6.32 12.41
CA GLN A 272 9.54 -5.58 12.59
C GLN A 272 10.29 -5.32 11.25
N VAL A 273 10.23 -6.29 10.36
CA VAL A 273 10.76 -6.10 8.96
C VAL A 273 10.07 -4.94 8.24
N VAL A 274 8.74 -4.92 8.27
CA VAL A 274 7.98 -3.80 7.69
C VAL A 274 8.39 -2.50 8.34
N GLN A 275 8.47 -2.47 9.68
CA GLN A 275 8.95 -1.26 10.40
C GLN A 275 10.35 -0.80 9.94
N GLU A 276 11.25 -1.77 9.71
CA GLU A 276 12.59 -1.45 9.24
C GLU A 276 12.57 -0.89 7.82
N TYR A 277 11.78 -1.52 6.95
CA TYR A 277 11.62 -1.06 5.57
C TYR A 277 11.07 0.36 5.57
N LEU A 278 10.03 0.61 6.36
CA LEU A 278 9.42 1.94 6.33
C LEU A 278 10.26 3.03 7.01
N GLU A 279 11.08 2.62 7.96
CA GLU A 279 12.03 3.56 8.57
C GLU A 279 12.99 4.08 7.48
N LEU A 280 13.39 3.21 6.58
CA LEU A 280 14.20 3.62 5.43
C LEU A 280 13.39 4.47 4.42
N ILE A 281 12.33 3.93 3.83
CA ILE A 281 11.70 4.60 2.66
C ILE A 281 10.71 5.69 3.00
N GLY A 282 10.26 5.76 4.25
CA GLY A 282 9.28 6.76 4.61
C GLY A 282 8.00 6.10 5.08
N ARG A 283 7.64 6.38 6.33
CA ARG A 283 6.38 5.86 6.89
C ARG A 283 5.16 6.55 6.27
N PRO A 284 4.00 5.85 6.24
CA PRO A 284 2.79 6.42 5.63
C PRO A 284 2.28 7.65 6.35
N ALA A 285 1.73 8.59 5.60
CA ALA A 285 0.99 9.73 6.15
C ALA A 285 -0.11 9.24 7.11
N LEU A 286 -0.34 9.98 8.19
CA LEU A 286 -1.52 9.77 9.02
C LEU A 286 -2.67 10.39 8.22
N PRO A 287 -3.72 9.60 7.95
CA PRO A 287 -4.80 10.17 7.13
C PRO A 287 -5.65 11.17 7.92
N SER A 288 -6.42 11.97 7.22
CA SER A 288 -7.48 12.78 7.84
C SER A 288 -8.42 11.74 8.35
N TYR A 289 -9.00 12.00 9.51
CA TYR A 289 -9.90 10.95 10.06
C TYR A 289 -11.09 10.77 9.09
N TRP A 290 -11.48 11.84 8.39
CA TRP A 290 -12.60 11.69 7.45
C TRP A 290 -12.36 10.73 6.28
N ALA A 291 -11.09 10.56 5.93
CA ALA A 291 -10.73 9.66 4.81
C ALA A 291 -10.96 8.22 5.23
N LEU A 292 -11.11 7.96 6.52
CA LEU A 292 -11.38 6.59 7.01
C LEU A 292 -12.82 6.16 6.80
N GLY A 293 -13.67 7.12 6.48
CA GLY A 293 -15.06 6.77 6.26
C GLY A 293 -15.29 6.18 4.89
N PHE A 294 -16.55 6.01 4.55
CA PHE A 294 -16.92 5.39 3.29
C PHE A 294 -16.93 6.45 2.20
N HIS A 295 -16.34 6.12 1.05
CA HIS A 295 -16.28 7.02 -0.12
C HIS A 295 -17.21 6.47 -1.22
N LEU A 296 -17.88 7.36 -1.94
CA LEU A 296 -18.71 6.94 -3.09
C LEU A 296 -18.28 7.69 -4.35
N SER A 297 -18.38 7.00 -5.47
CA SER A 297 -17.85 7.52 -6.73
C SER A 297 -18.49 6.79 -7.91
N ARG A 298 -18.46 7.44 -9.08
CA ARG A 298 -18.56 6.68 -10.32
C ARG A 298 -18.01 7.53 -11.42
N TYR A 299 -17.59 6.86 -12.48
CA TYR A 299 -17.22 7.49 -13.72
C TYR A 299 -18.55 7.75 -14.45
N GLU A 300 -18.78 9.02 -14.78
CA GLU A 300 -19.95 9.44 -15.55
C GLU A 300 -21.27 9.28 -14.82
N TYR A 301 -21.42 10.06 -13.75
CA TYR A 301 -22.76 10.51 -13.37
C TYR A 301 -23.39 11.24 -14.55
N GLY A 302 -22.58 12.03 -15.25
CA GLY A 302 -23.01 12.71 -16.49
C GLY A 302 -23.41 14.15 -16.21
N THR A 303 -24.25 14.31 -15.19
CA THR A 303 -24.72 15.61 -14.72
C THR A 303 -24.68 15.72 -13.19
N LEU A 304 -24.60 16.96 -12.72
CA LEU A 304 -24.68 17.23 -11.29
C LEU A 304 -26.02 16.75 -10.73
N ASP A 305 -27.08 16.88 -11.51
CA ASP A 305 -28.40 16.35 -11.11
C ASP A 305 -28.35 14.87 -10.81
N ASN A 306 -27.67 14.11 -11.69
CA ASN A 306 -27.54 12.65 -11.48
C ASN A 306 -26.69 12.34 -10.25
N MET A 307 -25.59 13.08 -10.09
CA MET A 307 -24.72 12.92 -8.92
C MET A 307 -25.49 13.26 -7.65
N ARG A 308 -26.20 14.40 -7.66
CA ARG A 308 -26.99 14.80 -6.51
C ARG A 308 -28.08 13.78 -6.16
N GLU A 309 -28.71 13.16 -7.15
CA GLU A 309 -29.73 12.12 -6.89
C GLU A 309 -29.14 10.88 -6.18
N VAL A 310 -27.95 10.48 -6.62
CA VAL A 310 -27.21 9.38 -5.98
C VAL A 310 -26.85 9.73 -4.53
N VAL A 311 -26.28 10.93 -4.33
CA VAL A 311 -25.91 11.42 -3.01
C VAL A 311 -27.15 11.37 -2.11
N GLU A 312 -28.26 11.88 -2.63
CA GLU A 312 -29.43 12.05 -1.82
C GLU A 312 -30.10 10.74 -1.44
N ARG A 313 -30.14 9.73 -2.33
CA ARG A 313 -30.74 8.43 -1.94
C ARG A 313 -29.89 7.65 -0.92
N ASN A 314 -28.57 7.83 -1.01
CA ASN A 314 -27.67 7.24 0.00
C ASN A 314 -27.72 7.93 1.35
N ARG A 315 -27.83 9.26 1.34
CA ARG A 315 -28.11 10.01 2.56
C ARG A 315 -29.48 9.67 3.19
N ALA A 316 -30.52 9.58 2.35
CA ALA A 316 -31.87 9.20 2.81
C ALA A 316 -31.88 7.82 3.49
N ALA A 317 -31.04 6.93 3.00
CA ALA A 317 -30.87 5.58 3.57
C ALA A 317 -30.05 5.55 4.88
N GLN A 318 -29.50 6.69 5.30
CA GLN A 318 -28.66 6.78 6.53
C GLN A 318 -27.41 5.91 6.38
N LEU A 319 -26.85 5.89 5.17
CA LEU A 319 -25.62 5.13 4.94
C LEU A 319 -24.49 5.92 5.58
N PRO A 320 -23.61 5.23 6.33
CA PRO A 320 -22.42 5.95 6.75
C PRO A 320 -21.64 6.30 5.45
N TYR A 321 -21.26 7.57 5.28
CA TYR A 321 -20.95 8.07 3.94
C TYR A 321 -20.28 9.44 4.06
N ASP A 322 -18.96 9.44 4.01
CA ASP A 322 -18.24 10.65 4.35
C ASP A 322 -17.80 11.42 3.12
N VAL A 323 -17.55 10.70 2.03
CA VAL A 323 -16.83 11.30 0.93
C VAL A 323 -17.51 11.05 -0.41
N GLN A 324 -17.61 12.08 -1.25
CA GLN A 324 -18.15 11.87 -2.58
C GLN A 324 -17.01 12.23 -3.53
N HIS A 325 -16.75 11.38 -4.54
CA HIS A 325 -15.69 11.68 -5.52
C HIS A 325 -16.35 12.21 -6.79
N ALA A 326 -15.69 13.11 -7.47
CA ALA A 326 -16.24 13.66 -8.69
C ALA A 326 -15.21 13.27 -9.74
N ASP A 327 -15.64 12.44 -10.69
CA ASP A 327 -14.75 11.93 -11.75
C ASP A 327 -14.76 12.96 -12.91
N ILE A 328 -14.15 12.63 -14.05
CA ILE A 328 -13.89 13.66 -15.09
C ILE A 328 -15.14 14.24 -15.75
N ASP A 329 -16.30 13.63 -15.52
CA ASP A 329 -17.56 14.27 -15.98
C ASP A 329 -17.80 15.69 -15.40
N TYR A 330 -17.17 16.07 -14.27
CA TYR A 330 -17.44 17.41 -13.70
C TYR A 330 -16.75 18.47 -14.54
N MET A 331 -15.75 18.04 -15.28
CA MET A 331 -14.88 18.98 -16.01
C MET A 331 -15.57 19.53 -17.25
N ASP A 332 -15.06 20.65 -17.74
CA ASP A 332 -15.48 21.18 -19.03
C ASP A 332 -14.71 20.46 -20.13
N GLU A 333 -15.36 19.47 -20.74
CA GLU A 333 -14.75 18.66 -21.82
C GLU A 333 -13.48 17.94 -21.35
N ARG A 334 -13.56 17.39 -20.14
CA ARG A 334 -12.54 16.56 -19.57
C ARG A 334 -11.20 17.27 -19.35
N ARG A 335 -11.24 18.58 -19.12
CA ARG A 335 -10.01 19.31 -18.85
C ARG A 335 -9.87 19.72 -17.41
N ASP A 336 -8.67 19.55 -16.86
CA ASP A 336 -8.42 19.86 -15.43
C ASP A 336 -8.71 21.32 -15.18
N PHE A 337 -9.15 21.60 -13.95
CA PHE A 337 -9.28 22.96 -13.42
C PHE A 337 -10.37 23.79 -14.12
N THR A 338 -11.40 23.10 -14.56
CA THR A 338 -12.64 23.67 -15.06
C THR A 338 -13.80 22.83 -14.53
N TYR A 339 -15.00 23.37 -14.57
CA TYR A 339 -16.16 22.48 -14.48
C TYR A 339 -17.12 22.85 -15.60
N ASP A 340 -17.98 21.91 -15.95
CA ASP A 340 -18.93 22.04 -17.03
C ASP A 340 -20.08 22.94 -16.55
N SER A 341 -20.08 24.17 -17.07
CA SER A 341 -21.04 25.20 -16.65
C SER A 341 -22.48 24.90 -17.04
N VAL A 342 -22.72 23.92 -17.92
CA VAL A 342 -24.08 23.45 -18.23
C VAL A 342 -24.47 22.22 -17.42
N ASP A 343 -23.77 21.11 -17.60
CA ASP A 343 -24.15 19.87 -16.91
C ASP A 343 -23.81 19.89 -15.43
N PHE A 344 -22.82 20.68 -15.06
CA PHE A 344 -22.42 20.84 -13.64
C PHE A 344 -22.63 22.28 -13.18
N LYS A 345 -23.70 22.90 -13.70
CA LYS A 345 -24.07 24.27 -13.29
C LYS A 345 -24.50 24.17 -11.85
N GLY A 346 -23.94 25.00 -11.01
CA GLY A 346 -24.25 24.95 -9.57
C GLY A 346 -23.38 24.02 -8.76
N PHE A 347 -22.29 23.56 -9.35
CA PHE A 347 -21.26 22.76 -8.64
C PHE A 347 -20.85 23.39 -7.27
N PRO A 348 -20.53 24.73 -7.23
CA PRO A 348 -20.21 25.37 -5.95
C PRO A 348 -21.32 25.29 -4.92
N GLU A 349 -22.58 25.34 -5.35
CA GLU A 349 -23.69 25.21 -4.40
C GLU A 349 -23.78 23.77 -3.86
N PHE A 350 -23.51 22.82 -4.73
CA PHE A 350 -23.50 21.39 -4.36
C PHE A 350 -22.38 21.10 -3.36
N VAL A 351 -21.23 21.72 -3.56
CA VAL A 351 -20.11 21.61 -2.60
C VAL A 351 -20.55 22.08 -1.18
N ASN A 352 -21.26 23.20 -1.12
CA ASN A 352 -21.81 23.71 0.14
C ASN A 352 -22.77 22.72 0.76
N GLU A 353 -23.63 22.12 -0.06
CA GLU A 353 -24.57 21.10 0.43
C GLU A 353 -23.78 19.93 1.03
N LEU A 354 -22.75 19.46 0.34
CA LEU A 354 -21.94 18.36 0.88
C LEU A 354 -21.39 18.78 2.23
N HIS A 355 -20.81 19.96 2.27
CA HIS A 355 -20.17 20.44 3.48
C HIS A 355 -21.14 20.61 4.66
N ASN A 356 -22.30 21.17 4.36
CA ASN A 356 -23.36 21.32 5.36
C ASN A 356 -23.87 19.97 5.89
N ASN A 357 -23.69 18.93 5.11
CA ASN A 357 -24.11 17.59 5.54
C ASN A 357 -22.98 16.81 6.21
N GLY A 358 -21.86 17.49 6.42
CA GLY A 358 -20.71 16.90 7.08
C GLY A 358 -19.83 16.07 6.15
N GLN A 359 -20.07 16.18 4.85
CA GLN A 359 -19.33 15.37 3.91
C GLN A 359 -18.23 16.13 3.18
N LYS A 360 -17.40 15.38 2.45
CA LYS A 360 -16.22 15.91 1.78
C LYS A 360 -16.30 15.61 0.29
N LEU A 361 -15.70 16.49 -0.49
CA LEU A 361 -15.64 16.32 -1.94
C LEU A 361 -14.19 16.02 -2.31
N VAL A 362 -13.98 14.94 -3.02
CA VAL A 362 -12.68 14.64 -3.60
C VAL A 362 -12.82 14.75 -5.12
N ILE A 363 -11.93 15.51 -5.75
CA ILE A 363 -11.96 15.68 -7.21
C ILE A 363 -10.80 14.95 -7.90
N ILE A 364 -11.07 14.39 -9.07
CA ILE A 364 -10.05 13.71 -9.83
C ILE A 364 -9.35 14.84 -10.57
N VAL A 365 -8.03 14.70 -10.69
CA VAL A 365 -7.21 15.60 -11.47
C VAL A 365 -6.27 14.67 -12.26
N ASP A 366 -6.04 14.99 -13.54
CA ASP A 366 -5.22 14.15 -14.40
C ASP A 366 -3.92 14.94 -14.64
N PRO A 367 -2.80 14.25 -14.89
CA PRO A 367 -1.62 15.02 -15.12
C PRO A 367 -1.71 15.72 -16.49
N ALA A 368 -2.29 15.06 -17.50
CA ALA A 368 -2.11 15.63 -18.85
C ALA A 368 -2.97 16.86 -19.00
N ILE A 369 -2.45 17.85 -19.70
CA ILE A 369 -3.06 19.17 -19.82
C ILE A 369 -3.31 19.41 -21.30
N SER A 370 -4.57 19.71 -21.63
CA SER A 370 -4.96 20.02 -23.00
C SER A 370 -4.08 21.12 -23.58
N ASN A 371 -3.58 20.95 -24.80
CA ASN A 371 -2.73 22.00 -25.41
C ASN A 371 -3.53 22.90 -26.34
N ASN A 372 -4.84 22.85 -26.24
CA ASN A 372 -5.70 23.60 -27.14
C ASN A 372 -6.06 24.92 -26.49
N SER A 373 -5.39 26.00 -26.91
CA SER A 373 -5.61 27.30 -26.34
C SER A 373 -5.33 28.36 -27.40
N SER A 374 -6.19 29.36 -27.49
CA SER A 374 -6.06 30.46 -28.46
C SER A 374 -6.34 31.75 -27.72
N SER A 375 -5.99 32.91 -28.30
CA SER A 375 -6.46 34.21 -27.78
C SER A 375 -8.00 34.22 -27.66
N SER A 376 -8.66 33.69 -28.68
CA SER A 376 -10.11 33.58 -28.75
C SER A 376 -10.68 32.79 -27.56
N LYS A 377 -10.09 31.62 -27.28
CA LYS A 377 -10.55 30.78 -26.17
C LYS A 377 -9.33 30.25 -25.36
N PRO A 378 -8.80 31.06 -24.44
CA PRO A 378 -7.61 30.63 -23.69
C PRO A 378 -7.88 29.45 -22.74
N TYR A 379 -6.94 28.53 -22.62
CA TYR A 379 -7.02 27.52 -21.56
C TYR A 379 -5.90 27.85 -20.62
N GLY A 380 -6.26 28.53 -19.53
CA GLY A 380 -5.32 29.04 -18.53
C GLY A 380 -4.24 28.09 -18.06
N PRO A 381 -4.60 26.86 -17.62
CA PRO A 381 -3.58 25.87 -17.15
C PRO A 381 -2.46 25.59 -18.15
N TYR A 382 -2.80 25.47 -19.43
CA TYR A 382 -1.80 25.28 -20.48
C TYR A 382 -0.98 26.54 -20.70
N ASP A 383 -1.64 27.70 -20.77
CA ASP A 383 -0.89 28.96 -20.97
C ASP A 383 0.12 29.20 -19.86
N ARG A 384 -0.33 29.04 -18.61
CA ARG A 384 0.52 29.30 -17.44
C ARG A 384 1.64 28.28 -17.38
N GLY A 385 1.32 27.01 -17.67
CA GLY A 385 2.34 25.95 -17.75
C GLY A 385 3.37 26.18 -18.85
N SER A 386 2.94 26.64 -20.02
CA SER A 386 3.88 26.95 -21.12
C SER A 386 4.77 28.15 -20.79
N ASP A 387 4.17 29.17 -20.17
CA ASP A 387 4.92 30.33 -19.68
C ASP A 387 6.02 29.92 -18.71
N MET A 388 5.73 28.94 -17.86
CA MET A 388 6.72 28.47 -16.89
C MET A 388 7.68 27.39 -17.42
N LYS A 389 7.38 26.86 -18.59
CA LYS A 389 8.23 25.91 -19.29
C LYS A 389 8.45 24.59 -18.50
N ILE A 390 7.35 24.08 -17.94
CA ILE A 390 7.39 22.95 -17.00
C ILE A 390 6.88 21.63 -17.60
N TRP A 391 6.80 21.56 -18.94
CA TRP A 391 6.36 20.30 -19.58
C TRP A 391 7.48 19.28 -19.74
N VAL A 392 7.11 18.01 -19.86
CA VAL A 392 8.02 16.98 -20.31
C VAL A 392 8.32 17.27 -21.79
N ASN A 393 9.61 17.27 -22.11
CA ASN A 393 10.07 17.53 -23.47
C ASN A 393 10.37 16.26 -24.23
N SER A 394 10.35 16.41 -25.54
CA SER A 394 10.83 15.39 -26.45
C SER A 394 12.34 15.26 -26.35
N SER A 395 12.89 14.26 -27.02
CA SER A 395 14.32 14.03 -26.95
C SER A 395 15.19 15.21 -27.41
N ASP A 396 14.66 16.15 -28.18
CA ASP A 396 15.45 17.36 -28.53
C ASP A 396 15.74 18.22 -27.29
N GLY A 397 15.06 17.92 -26.19
CA GLY A 397 15.29 18.62 -24.94
C GLY A 397 14.60 19.97 -24.84
N VAL A 398 13.87 20.39 -25.89
CA VAL A 398 13.25 21.76 -25.90
C VAL A 398 11.80 21.85 -26.34
N THR A 399 11.31 20.81 -27.01
CA THR A 399 9.96 20.79 -27.50
C THR A 399 9.09 19.96 -26.56
N PRO A 400 8.07 20.57 -25.95
CA PRO A 400 7.17 19.77 -25.13
C PRO A 400 6.59 18.58 -25.90
N LEU A 401 6.61 17.42 -25.26
CA LEU A 401 6.07 16.22 -25.86
C LEU A 401 4.54 16.24 -25.94
N ILE A 402 3.99 15.89 -27.11
CA ILE A 402 2.55 15.86 -27.30
C ILE A 402 2.02 14.44 -27.30
N GLY A 403 1.05 14.17 -26.43
CA GLY A 403 0.41 12.86 -26.38
C GLY A 403 -1.09 13.04 -26.45
N GLU A 404 -1.86 12.03 -26.06
CA GLU A 404 -3.29 12.18 -26.11
C GLU A 404 -3.90 11.55 -24.89
N VAL A 405 -4.74 12.28 -24.16
CA VAL A 405 -5.49 11.68 -23.05
C VAL A 405 -6.95 12.14 -23.15
N TRP A 406 -7.65 12.28 -22.03
CA TRP A 406 -9.09 12.55 -22.03
C TRP A 406 -9.54 13.78 -22.81
N PRO A 407 -8.84 14.92 -22.65
CA PRO A 407 -9.32 16.06 -23.43
C PRO A 407 -8.91 16.10 -24.94
N GLY A 408 -8.24 15.07 -25.43
CA GLY A 408 -7.58 15.14 -26.75
C GLY A 408 -6.08 15.36 -26.61
N GLN A 409 -5.44 16.08 -27.56
CA GLN A 409 -3.98 16.28 -27.48
C GLN A 409 -3.60 17.00 -26.22
N THR A 410 -2.47 16.58 -25.64
CA THR A 410 -2.08 17.11 -24.35
C THR A 410 -0.59 17.17 -24.26
N VAL A 411 -0.12 18.06 -23.40
CA VAL A 411 1.26 18.05 -22.91
C VAL A 411 1.25 17.45 -21.48
N PHE A 412 2.41 17.16 -20.95
CA PHE A 412 2.54 16.43 -19.68
C PHE A 412 3.42 17.23 -18.71
N PRO A 413 2.93 17.49 -17.49
CA PRO A 413 3.78 18.22 -16.59
C PRO A 413 5.00 17.42 -16.15
N ASP A 414 6.09 18.12 -15.94
CA ASP A 414 7.30 17.48 -15.45
C ASP A 414 7.34 17.71 -13.94
N TYR A 415 6.80 16.79 -13.17
CA TYR A 415 6.69 17.04 -11.74
C TYR A 415 8.01 16.93 -11.02
N THR A 416 9.07 16.50 -11.74
CA THR A 416 10.39 16.43 -11.12
C THR A 416 11.08 17.80 -11.07
N ASN A 417 10.56 18.74 -11.85
CA ASN A 417 11.03 20.12 -11.82
C ASN A 417 10.34 20.82 -10.64
N PRO A 418 11.12 21.34 -9.66
CA PRO A 418 10.53 22.10 -8.52
C PRO A 418 9.56 23.21 -8.94
N ASN A 419 9.83 23.86 -10.06
CA ASN A 419 8.96 24.92 -10.58
C ASN A 419 7.62 24.39 -11.05
N CYS A 420 7.60 23.12 -11.45
CA CYS A 420 6.35 22.49 -11.82
C CYS A 420 5.41 22.43 -10.61
N ALA A 421 5.96 22.19 -9.43
CA ALA A 421 5.13 22.19 -8.24
C ALA A 421 4.58 23.59 -7.96
N VAL A 422 5.33 24.64 -8.30
CA VAL A 422 4.77 25.99 -8.15
C VAL A 422 3.59 26.21 -9.12
N TRP A 423 3.75 25.79 -10.37
CA TRP A 423 2.66 25.88 -11.35
C TRP A 423 1.42 25.10 -10.87
N TRP A 424 1.65 23.86 -10.41
CA TRP A 424 0.58 22.94 -9.99
C TRP A 424 -0.16 23.55 -8.82
N THR A 425 0.57 24.05 -7.84
CA THR A 425 -0.04 24.67 -6.67
C THR A 425 -0.94 25.84 -7.07
N LYS A 426 -0.45 26.72 -7.95
CA LYS A 426 -1.24 27.87 -8.38
C LYS A 426 -2.49 27.42 -9.10
N GLU A 427 -2.43 26.34 -9.89
CA GLU A 427 -3.63 25.87 -10.58
C GLU A 427 -4.67 25.39 -9.57
N PHE A 428 -4.22 24.70 -8.53
CA PHE A 428 -5.18 24.24 -7.51
C PHE A 428 -5.73 25.41 -6.72
N GLU A 429 -4.90 26.38 -6.35
CA GLU A 429 -5.40 27.59 -5.65
C GLU A 429 -6.52 28.25 -6.44
N LEU A 430 -6.28 28.51 -7.73
CA LEU A 430 -7.29 29.10 -8.59
C LEU A 430 -8.57 28.28 -8.68
N PHE A 431 -8.46 26.96 -8.83
CA PHE A 431 -9.68 26.14 -8.93
C PHE A 431 -10.40 26.00 -7.59
N HIS A 432 -9.63 25.98 -6.51
CA HIS A 432 -10.21 25.87 -5.18
C HIS A 432 -11.03 27.12 -4.84
N ASN A 433 -10.67 28.26 -5.44
CA ASN A 433 -11.49 29.48 -5.32
C ASN A 433 -12.88 29.37 -5.90
N GLN A 434 -13.10 28.41 -6.81
CA GLN A 434 -14.37 28.20 -7.47
C GLN A 434 -15.11 27.01 -6.87
N VAL A 435 -14.40 25.89 -6.66
CA VAL A 435 -14.99 24.65 -6.19
C VAL A 435 -14.18 24.26 -4.95
N GLU A 436 -14.82 24.27 -3.78
CA GLU A 436 -14.05 24.05 -2.52
C GLU A 436 -13.92 22.59 -2.14
N PHE A 437 -13.18 21.88 -2.99
CA PHE A 437 -12.89 20.44 -2.82
C PHE A 437 -12.01 20.24 -1.59
N ASP A 438 -12.04 19.02 -1.01
CA ASP A 438 -11.36 18.73 0.25
C ASP A 438 -10.16 17.77 0.09
N GLY A 439 -10.14 17.06 -1.03
CA GLY A 439 -9.04 16.14 -1.34
C GLY A 439 -8.92 15.95 -2.85
N ILE A 440 -7.86 15.26 -3.27
CA ILE A 440 -7.47 15.19 -4.68
C ILE A 440 -7.19 13.74 -5.02
N TRP A 441 -7.70 13.33 -6.17
CA TRP A 441 -7.56 11.98 -6.64
C TRP A 441 -6.75 12.12 -7.92
N ILE A 442 -5.47 11.72 -7.86
CA ILE A 442 -4.56 11.79 -9.03
C ILE A 442 -4.53 10.45 -9.75
N ASP A 443 -4.87 10.50 -11.03
CA ASP A 443 -5.10 9.33 -11.84
C ASP A 443 -4.30 9.42 -13.15
N MET A 444 -4.25 8.30 -13.90
CA MET A 444 -3.60 8.26 -15.23
C MET A 444 -2.14 8.64 -15.14
N ASN A 445 -1.53 8.46 -13.95
CA ASN A 445 -0.20 9.03 -13.70
C ASN A 445 0.96 8.03 -13.75
N GLU A 446 0.82 7.03 -14.59
CA GLU A 446 1.93 6.10 -14.86
C GLU A 446 3.16 6.62 -15.60
N VAL A 447 3.06 7.57 -16.55
CA VAL A 447 1.90 8.29 -16.98
C VAL A 447 1.19 7.55 -18.14
N SER A 448 -0.14 7.62 -18.18
CA SER A 448 -0.92 6.94 -19.19
C SER A 448 -1.10 7.85 -20.41
N ASN A 449 -0.91 7.27 -21.60
CA ASN A 449 -0.98 8.00 -22.89
C ASN A 449 -1.86 7.13 -23.82
N PHE A 450 -2.82 7.75 -24.50
CA PHE A 450 -3.72 7.02 -25.38
C PHE A 450 -3.05 6.73 -26.73
N VAL A 451 -1.91 7.36 -26.97
CA VAL A 451 -1.04 7.00 -28.09
C VAL A 451 0.24 6.38 -27.50
N ASP A 452 0.95 5.57 -28.29
CA ASP A 452 2.17 4.97 -27.81
C ASP A 452 3.31 5.96 -28.00
N GLY A 453 3.81 6.51 -26.89
CA GLY A 453 4.97 7.40 -26.93
C GLY A 453 4.63 8.87 -27.11
N SER A 454 4.12 9.20 -28.28
CA SER A 454 3.70 10.57 -28.53
C SER A 454 2.83 10.52 -29.79
N VAL A 455 2.22 11.64 -30.13
CA VAL A 455 1.40 11.71 -31.34
C VAL A 455 2.23 11.42 -32.61
N SER A 456 3.55 11.45 -32.50
CA SER A 456 4.38 11.06 -33.63
C SER A 456 5.20 9.78 -33.37
N GLY A 457 4.72 8.95 -32.46
CA GLY A 457 5.44 7.74 -32.09
C GLY A 457 6.76 8.02 -31.39
N CYS A 458 7.69 7.07 -31.51
CA CYS A 458 9.00 7.14 -30.86
C CYS A 458 10.09 6.77 -31.82
N SER A 459 11.22 7.44 -31.75
CA SER A 459 12.38 7.04 -32.58
C SER A 459 12.92 5.69 -32.20
N THR A 460 13.43 4.97 -33.18
CA THR A 460 14.04 3.67 -32.90
C THR A 460 15.42 4.01 -32.36
N ASN A 461 15.71 3.56 -31.14
CA ASN A 461 17.00 3.85 -30.51
C ASN A 461 17.09 2.95 -29.29
N ASN A 462 18.20 3.00 -28.56
CA ASN A 462 18.43 2.01 -27.49
C ASN A 462 17.56 2.19 -26.24
N LEU A 463 16.94 3.36 -26.12
CA LEU A 463 16.02 3.71 -25.02
C LEU A 463 14.62 3.22 -25.34
N ASN A 464 14.12 3.55 -26.54
CA ASN A 464 12.79 3.06 -26.96
C ASN A 464 12.78 1.59 -27.31
N ASN A 465 13.92 1.10 -27.77
CA ASN A 465 14.07 -0.30 -28.17
C ASN A 465 15.34 -0.90 -27.58
N PRO A 466 15.28 -1.29 -26.29
CA PRO A 466 16.53 -1.68 -25.64
C PRO A 466 16.95 -3.11 -26.01
N PRO A 467 18.20 -3.49 -25.72
CA PRO A 467 18.70 -4.85 -26.02
C PRO A 467 17.88 -5.96 -25.34
N PHE A 468 17.38 -5.68 -24.13
CA PHE A 468 16.52 -6.62 -23.42
C PHE A 468 15.27 -5.89 -22.91
N THR A 469 14.10 -6.48 -23.12
CA THR A 469 12.85 -5.91 -22.64
C THR A 469 12.28 -6.94 -21.66
N PRO A 470 12.06 -6.56 -20.38
CA PRO A 470 11.40 -7.50 -19.42
C PRO A 470 10.02 -7.84 -19.99
N ARG A 471 9.34 -8.85 -19.46
CA ARG A 471 8.07 -9.25 -20.07
C ARG A 471 6.88 -8.35 -19.72
N ILE A 472 7.01 -7.05 -19.99
CA ILE A 472 5.95 -6.12 -19.74
C ILE A 472 4.80 -6.35 -20.72
N LEU A 473 3.60 -5.92 -20.34
CA LEU A 473 2.45 -6.07 -21.18
C LEU A 473 2.73 -5.39 -22.54
N ASP A 474 2.55 -6.13 -23.63
CA ASP A 474 2.68 -5.62 -24.99
C ASP A 474 4.12 -5.59 -25.49
N GLY A 475 5.09 -5.70 -24.59
CA GLY A 475 6.47 -5.91 -24.98
C GLY A 475 7.24 -4.70 -25.50
N TYR A 476 6.69 -3.49 -25.37
CA TYR A 476 7.44 -2.29 -25.66
C TYR A 476 7.25 -1.32 -24.54
N LEU A 477 8.33 -0.63 -24.18
CA LEU A 477 8.35 0.26 -23.00
C LEU A 477 7.40 1.43 -23.18
N PHE A 478 7.31 1.91 -24.41
CA PHE A 478 6.58 3.15 -24.65
C PHE A 478 5.12 2.91 -24.89
N CYS A 479 4.67 1.64 -24.82
CA CYS A 479 3.25 1.36 -25.04
CA CYS A 479 3.27 1.30 -25.00
C CYS A 479 2.37 2.01 -23.98
N LYS A 480 1.37 2.74 -24.46
CA LYS A 480 0.43 3.50 -23.62
C LYS A 480 1.12 4.44 -22.61
N THR A 481 2.31 4.95 -22.98
CA THR A 481 3.00 5.92 -22.12
C THR A 481 3.84 6.87 -22.96
N LEU A 482 4.83 7.56 -22.38
CA LEU A 482 5.69 8.52 -23.11
C LEU A 482 6.88 7.79 -23.74
N CYS A 483 7.41 8.35 -24.83
CA CYS A 483 8.70 7.96 -25.34
C CYS A 483 9.73 7.85 -24.21
N MET A 484 10.55 6.81 -24.26
CA MET A 484 11.61 6.55 -23.26
C MET A 484 12.75 7.56 -23.37
N ASP A 485 12.86 8.24 -24.51
CA ASP A 485 13.86 9.29 -24.66
C ASP A 485 13.33 10.71 -24.37
N ALA A 486 12.11 10.80 -23.86
CA ALA A 486 11.56 12.05 -23.35
C ALA A 486 12.41 12.48 -22.14
N VAL A 487 12.39 13.78 -21.89
CA VAL A 487 13.37 14.45 -21.07
C VAL A 487 12.66 15.23 -19.97
N GLN A 488 13.07 14.96 -18.73
CA GLN A 488 12.57 15.65 -17.55
C GLN A 488 13.74 16.16 -16.70
N HIS A 489 13.44 17.03 -15.75
CA HIS A 489 14.48 17.52 -14.80
C HIS A 489 15.35 16.40 -14.18
N TRP A 490 14.76 15.31 -13.65
CA TRP A 490 15.56 14.23 -13.11
C TRP A 490 16.25 13.31 -14.11
N GLY A 491 15.86 13.33 -15.38
CA GLY A 491 16.54 12.51 -16.38
C GLY A 491 15.62 12.11 -17.50
N LYS A 492 16.00 11.07 -18.23
CA LYS A 492 15.19 10.63 -19.35
C LYS A 492 14.10 9.68 -18.86
N GLN A 493 13.00 9.64 -19.59
CA GLN A 493 11.88 8.77 -19.21
C GLN A 493 12.32 7.31 -18.97
N TYR A 494 13.28 6.81 -19.75
CA TYR A 494 13.82 5.46 -19.58
C TYR A 494 14.14 5.15 -18.11
N ASP A 495 14.73 6.14 -17.44
CA ASP A 495 15.19 6.02 -16.07
C ASP A 495 14.13 6.40 -15.05
N ILE A 496 13.27 7.38 -15.38
CA ILE A 496 12.38 7.96 -14.38
C ILE A 496 10.90 7.63 -14.56
N HIS A 497 10.59 6.81 -15.56
CA HIS A 497 9.19 6.48 -15.87
C HIS A 497 8.46 5.96 -14.60
N ASN A 498 9.09 5.05 -13.87
CA ASN A 498 8.44 4.49 -12.66
C ASN A 498 8.30 5.51 -11.53
N LEU A 499 8.89 6.69 -11.72
CA LEU A 499 8.82 7.76 -10.73
C LEU A 499 7.83 8.86 -11.04
N TYR A 500 7.09 8.75 -12.13
CA TYR A 500 6.17 9.83 -12.47
C TYR A 500 5.04 10.01 -11.47
N GLY A 501 4.38 8.91 -11.09
CA GLY A 501 3.29 9.05 -10.17
C GLY A 501 3.79 9.45 -8.80
N TYR A 502 4.97 8.95 -8.45
CA TYR A 502 5.63 9.33 -7.18
C TYR A 502 5.92 10.85 -7.20
N SER A 503 6.53 11.37 -8.26
CA SER A 503 6.84 12.81 -8.29
C SER A 503 5.56 13.65 -8.26
N MET A 504 4.51 13.17 -8.93
CA MET A 504 3.23 13.84 -8.96
C MET A 504 2.61 13.87 -7.53
N ALA A 505 2.67 12.75 -6.80
CA ALA A 505 2.16 12.74 -5.42
C ALA A 505 2.95 13.74 -4.54
N VAL A 506 4.27 13.81 -4.73
CA VAL A 506 5.11 14.74 -3.96
C VAL A 506 4.69 16.19 -4.22
N ALA A 507 4.56 16.54 -5.52
CA ALA A 507 4.06 17.85 -5.96
C ALA A 507 2.68 18.15 -5.46
N THR A 508 1.80 17.16 -5.46
CA THR A 508 0.43 17.36 -5.02
C THR A 508 0.40 17.64 -3.50
N ALA A 509 1.17 16.90 -2.73
CA ALA A 509 1.31 17.19 -1.29
C ALA A 509 1.88 18.62 -1.09
N GLU A 510 2.86 18.98 -1.90
CA GLU A 510 3.38 20.35 -1.85
C GLU A 510 2.26 21.36 -2.08
N ALA A 511 1.40 21.12 -3.08
CA ALA A 511 0.27 22.00 -3.37
C ALA A 511 -0.70 22.09 -2.18
N ALA A 512 -0.92 20.96 -1.50
CA ALA A 512 -1.80 20.93 -0.35
C ALA A 512 -1.33 21.89 0.76
N LYS A 513 -0.03 22.11 0.89
CA LYS A 513 0.52 23.03 1.89
C LYS A 513 -0.06 24.44 1.73
N THR A 514 -0.38 24.82 0.49
CA THR A 514 -0.91 26.15 0.19
C THR A 514 -2.41 26.14 0.17
N VAL A 515 -2.99 25.13 -0.49
CA VAL A 515 -4.43 25.10 -0.70
C VAL A 515 -5.19 24.72 0.60
N PHE A 516 -4.56 23.87 1.40
CA PHE A 516 -5.17 23.40 2.67
C PHE A 516 -4.21 23.69 3.82
N PRO A 517 -4.05 24.98 4.19
CA PRO A 517 -2.96 25.30 5.13
C PRO A 517 -3.11 24.57 6.45
N ASN A 518 -2.04 23.88 6.83
CA ASN A 518 -1.93 23.08 8.05
C ASN A 518 -2.87 21.90 8.20
N LYS A 519 -3.50 21.48 7.10
CA LYS A 519 -4.38 20.31 7.08
C LYS A 519 -3.73 19.17 6.31
N ARG A 520 -4.16 17.95 6.65
CA ARG A 520 -3.70 16.75 5.95
C ARG A 520 -4.32 16.65 4.55
N SER A 521 -5.59 17.01 4.42
CA SER A 521 -6.38 16.77 3.21
C SER A 521 -6.33 15.25 2.93
N PHE A 522 -6.29 14.88 1.67
CA PHE A 522 -6.34 13.48 1.22
C PHE A 522 -5.83 13.49 -0.22
N ILE A 523 -4.86 12.64 -0.53
CA ILE A 523 -4.46 12.39 -1.90
C ILE A 523 -4.57 10.92 -2.17
N LEU A 524 -5.24 10.58 -3.26
CA LEU A 524 -5.40 9.19 -3.69
C LEU A 524 -4.66 9.07 -5.03
N THR A 525 -3.73 8.13 -5.18
CA THR A 525 -2.94 8.03 -6.45
C THR A 525 -3.03 6.64 -7.04
N ARG A 526 -2.97 6.58 -8.37
CA ARG A 526 -2.95 5.30 -9.03
C ARG A 526 -1.53 4.74 -9.07
N SER A 527 -0.62 5.45 -9.73
CA SER A 527 0.77 5.02 -9.85
C SER A 527 1.56 5.34 -8.56
N THR A 528 2.41 4.40 -8.14
CA THR A 528 3.19 4.52 -6.88
C THR A 528 4.59 4.04 -7.16
N PHE A 529 5.53 4.49 -6.34
CA PHE A 529 6.84 3.93 -6.27
C PHE A 529 7.05 3.68 -4.75
N ALA A 530 8.13 3.02 -4.39
CA ALA A 530 8.50 2.86 -2.99
C ALA A 530 8.55 4.22 -2.27
N GLY A 531 7.79 4.33 -1.19
CA GLY A 531 7.68 5.60 -0.44
C GLY A 531 6.49 6.47 -0.75
N SER A 532 5.66 6.09 -1.72
CA SER A 532 4.48 6.90 -2.08
C SER A 532 3.47 7.05 -0.93
N GLY A 533 3.45 6.05 -0.05
CA GLY A 533 2.53 6.09 1.09
C GLY A 533 2.75 7.30 2.03
N LYS A 534 3.95 7.88 1.99
CA LYS A 534 4.23 9.07 2.81
C LYS A 534 3.31 10.23 2.37
N PHE A 535 2.82 10.16 1.15
CA PHE A 535 2.01 11.23 0.54
C PHE A 535 0.57 10.87 0.26
N ALA A 536 0.29 9.61 -0.06
CA ALA A 536 -0.96 9.33 -0.69
C ALA A 536 -1.51 7.97 -0.31
N ALA A 537 -2.83 7.83 -0.39
CA ALA A 537 -3.55 6.57 -0.47
C ALA A 537 -3.46 5.96 -1.90
N HIS A 538 -3.89 4.71 -2.02
CA HIS A 538 -3.88 4.02 -3.29
C HIS A 538 -5.14 3.23 -3.48
N TRP A 539 -5.62 3.14 -4.73
CA TRP A 539 -6.61 2.09 -5.02
C TRP A 539 -6.12 1.14 -6.08
N LEU A 540 -6.67 -0.08 -6.05
CA LEU A 540 -6.08 -1.16 -6.82
C LEU A 540 -6.48 -1.11 -8.30
N GLY A 541 -7.14 -0.03 -8.71
CA GLY A 541 -7.33 0.31 -10.15
C GLY A 541 -8.63 -0.21 -10.73
N ASP A 542 -8.65 -0.38 -12.05
CA ASP A 542 -9.83 -0.74 -12.85
C ASP A 542 -10.19 -2.24 -12.84
N ASN A 543 -10.72 -2.70 -11.72
CA ASN A 543 -11.10 -4.09 -11.59
C ASN A 543 -12.47 -4.39 -12.25
N THR A 544 -13.01 -5.58 -12.03
CA THR A 544 -14.17 -6.01 -12.77
C THR A 544 -15.12 -6.61 -11.74
N ALA A 545 -16.42 -6.54 -12.02
CA ALA A 545 -17.42 -7.09 -11.12
C ALA A 545 -17.46 -8.60 -11.30
N THR A 546 -16.42 -9.27 -10.83
CA THR A 546 -16.39 -10.75 -10.83
C THR A 546 -16.03 -11.29 -9.46
N TRP A 547 -16.42 -12.54 -9.17
CA TRP A 547 -15.96 -13.12 -7.93
C TRP A 547 -14.44 -13.26 -7.84
N ASP A 548 -13.75 -13.51 -8.96
CA ASP A 548 -12.30 -13.57 -8.97
C ASP A 548 -11.72 -12.24 -8.47
N ASP A 549 -12.22 -11.11 -8.99
CA ASP A 549 -11.70 -9.80 -8.56
C ASP A 549 -11.89 -9.55 -7.07
N LEU A 550 -13.02 -10.01 -6.52
CA LEU A 550 -13.26 -9.88 -5.09
C LEU A 550 -12.21 -10.66 -4.28
N ARG A 551 -12.01 -11.94 -4.62
CA ARG A 551 -10.94 -12.74 -4.01
C ARG A 551 -9.52 -12.12 -4.14
N TRP A 552 -9.23 -11.62 -5.33
CA TRP A 552 -7.87 -11.12 -5.61
C TRP A 552 -7.56 -9.82 -4.90
N SER A 553 -8.61 -9.16 -4.42
CA SER A 553 -8.44 -7.90 -3.71
C SER A 553 -7.68 -8.05 -2.39
N ILE A 554 -7.87 -9.16 -1.67
CA ILE A 554 -7.25 -9.23 -0.37
C ILE A 554 -5.73 -9.28 -0.45
N PRO A 555 -5.15 -10.18 -1.26
CA PRO A 555 -3.69 -10.10 -1.29
C PRO A 555 -3.20 -8.71 -1.73
N GLY A 556 -3.94 -8.03 -2.60
CA GLY A 556 -3.49 -6.68 -3.10
C GLY A 556 -3.47 -5.68 -1.95
N VAL A 557 -4.46 -5.77 -1.06
CA VAL A 557 -4.54 -4.88 0.08
C VAL A 557 -3.41 -5.18 1.07
N LEU A 558 -3.16 -6.48 1.33
CA LEU A 558 -2.08 -6.87 2.26
C LEU A 558 -0.72 -6.42 1.73
N GLU A 559 -0.48 -6.64 0.45
CA GLU A 559 0.79 -6.21 -0.13
C GLU A 559 1.02 -4.73 0.02
N PHE A 560 0.04 -3.90 -0.29
CA PHE A 560 0.28 -2.44 -0.11
C PHE A 560 0.53 -2.00 1.29
N ASN A 561 -0.01 -2.75 2.26
CA ASN A 561 0.34 -2.51 3.67
C ASN A 561 1.84 -2.80 3.95
N LEU A 562 2.38 -3.88 3.39
CA LEU A 562 3.83 -4.10 3.39
C LEU A 562 4.60 -2.92 2.77
N PHE A 563 4.07 -2.32 1.70
CA PHE A 563 4.78 -1.23 0.98
C PHE A 563 4.60 0.12 1.67
N GLY A 564 3.91 0.12 2.81
CA GLY A 564 3.68 1.36 3.55
C GLY A 564 2.65 2.29 2.93
N ILE A 565 1.70 1.71 2.19
CA ILE A 565 0.51 2.42 1.71
C ILE A 565 -0.69 1.70 2.34
N PRO A 566 -0.87 1.90 3.65
CA PRO A 566 -1.90 1.10 4.29
C PRO A 566 -3.32 1.51 3.89
N MET A 567 -3.53 2.76 3.49
CA MET A 567 -4.85 3.16 3.05
C MET A 567 -5.02 2.72 1.58
N VAL A 568 -5.54 1.51 1.38
CA VAL A 568 -5.61 0.94 0.05
C VAL A 568 -6.87 0.09 0.02
N GLY A 569 -7.47 0.00 -1.16
CA GLY A 569 -8.63 -0.86 -1.34
C GLY A 569 -8.94 -0.94 -2.82
N PRO A 570 -9.80 -1.89 -3.23
CA PRO A 570 -10.22 -1.91 -4.62
C PRO A 570 -11.45 -0.98 -4.86
N ASP A 571 -11.99 -1.01 -6.07
CA ASP A 571 -13.31 -0.40 -6.34
C ASP A 571 -14.33 -1.45 -5.87
N ILE A 572 -15.01 -1.17 -4.76
CA ILE A 572 -15.91 -2.14 -4.18
C ILE A 572 -17.06 -2.32 -5.20
N CYS A 573 -17.42 -3.58 -5.43
CA CYS A 573 -18.49 -3.99 -6.36
C CYS A 573 -18.01 -4.13 -7.79
N GLY A 574 -16.91 -3.49 -8.14
CA GLY A 574 -16.25 -3.78 -9.39
C GLY A 574 -16.41 -2.58 -10.29
N PHE A 575 -15.30 -2.09 -10.80
CA PHE A 575 -15.34 -0.97 -11.71
C PHE A 575 -16.08 -1.35 -13.02
N ALA A 576 -15.47 -2.18 -13.86
CA ALA A 576 -16.09 -2.60 -15.14
C ALA A 576 -17.21 -3.63 -14.93
N LEU A 577 -18.27 -3.54 -15.74
CA LEU A 577 -19.39 -4.50 -15.76
C LEU A 577 -20.47 -4.13 -14.74
N ASP A 578 -21.70 -4.53 -15.05
CA ASP A 578 -22.83 -4.48 -14.13
C ASP A 578 -22.56 -5.49 -13.03
N THR A 579 -22.77 -5.09 -11.78
CA THR A 579 -22.46 -5.98 -10.67
C THR A 579 -23.70 -6.79 -10.28
N PRO A 580 -23.57 -8.12 -10.17
CA PRO A 580 -24.71 -8.86 -9.61
C PRO A 580 -24.98 -8.47 -8.15
N GLU A 581 -26.25 -8.51 -7.75
CA GLU A 581 -26.59 -8.16 -6.37
C GLU A 581 -25.79 -8.99 -5.32
N GLU A 582 -25.59 -10.28 -5.59
CA GLU A 582 -25.02 -11.12 -4.57
C GLU A 582 -23.54 -10.74 -4.42
N LEU A 583 -22.90 -10.47 -5.55
CA LEU A 583 -21.51 -10.15 -5.53
C LEU A 583 -21.35 -8.80 -4.84
N CYS A 584 -22.18 -7.82 -5.21
CA CYS A 584 -22.05 -6.49 -4.62
C CYS A 584 -22.34 -6.54 -3.11
N ARG A 585 -23.30 -7.37 -2.70
CA ARG A 585 -23.61 -7.49 -1.27
C ARG A 585 -22.44 -8.07 -0.52
N ARG A 586 -21.82 -9.13 -1.05
CA ARG A 586 -20.63 -9.70 -0.41
C ARG A 586 -19.46 -8.74 -0.43
N TRP A 587 -19.32 -7.98 -1.51
CA TRP A 587 -18.19 -7.10 -1.62
C TRP A 587 -18.35 -5.90 -0.70
N MET A 588 -19.59 -5.41 -0.55
CA MET A 588 -19.87 -4.35 0.41
C MET A 588 -19.58 -4.78 1.83
N GLN A 589 -19.94 -6.02 2.16
CA GLN A 589 -19.62 -6.58 3.49
C GLN A 589 -18.14 -6.61 3.77
N LEU A 590 -17.36 -7.07 2.79
CA LEU A 590 -15.90 -7.08 2.91
C LEU A 590 -15.35 -5.68 2.88
N GLY A 591 -15.87 -4.90 1.91
CA GLY A 591 -15.46 -3.53 1.66
C GLY A 591 -15.60 -2.59 2.84
N ALA A 592 -16.53 -2.90 3.75
CA ALA A 592 -16.63 -2.15 4.98
C ALA A 592 -15.35 -2.24 5.82
N PHE A 593 -14.53 -3.24 5.57
CA PHE A 593 -13.25 -3.42 6.31
C PHE A 593 -11.96 -3.22 5.48
N TYR A 594 -12.07 -2.71 4.25
CA TYR A 594 -10.84 -2.35 3.56
C TYR A 594 -10.38 -1.06 4.22
N PRO A 595 -9.06 -0.85 4.38
CA PRO A 595 -8.59 0.39 4.97
C PRO A 595 -8.97 1.65 4.21
N PHE A 596 -8.97 1.57 2.87
CA PHE A 596 -9.61 2.58 2.01
C PHE A 596 -10.85 1.91 1.43
N SER A 597 -12.03 2.41 1.83
CA SER A 597 -13.37 1.82 1.53
C SER A 597 -14.11 2.73 0.54
N ARG A 598 -14.07 2.38 -0.74
CA ARG A 598 -14.74 3.14 -1.76
C ARG A 598 -15.46 2.27 -2.78
N ASN A 599 -16.73 2.56 -3.00
CA ASN A 599 -17.53 1.93 -4.05
C ASN A 599 -17.41 2.86 -5.25
N HIS A 600 -16.81 2.37 -6.33
CA HIS A 600 -16.65 3.14 -7.56
C HIS A 600 -17.04 2.26 -8.77
N ASN A 601 -17.51 2.88 -9.88
CA ASN A 601 -18.14 2.14 -10.96
C ASN A 601 -17.74 2.81 -12.29
N GLY A 602 -17.62 2.02 -13.36
CA GLY A 602 -17.22 2.55 -14.68
C GLY A 602 -18.39 3.23 -15.42
N GLN A 603 -18.09 3.68 -16.63
CA GLN A 603 -19.05 4.46 -17.40
C GLN A 603 -20.12 3.54 -17.94
N GLY A 604 -21.38 3.96 -17.82
CA GLY A 604 -22.51 3.28 -18.49
C GLY A 604 -23.10 2.09 -17.79
N TYR A 605 -22.36 1.47 -16.85
CA TYR A 605 -22.85 0.28 -16.16
C TYR A 605 -23.98 0.62 -15.19
N LYS A 606 -24.79 -0.37 -14.87
CA LYS A 606 -25.93 -0.15 -13.99
C LYS A 606 -25.40 0.41 -12.67
N ASP A 607 -26.17 1.29 -12.02
CA ASP A 607 -25.77 1.87 -10.75
C ASP A 607 -25.46 0.75 -9.74
N GLN A 608 -24.46 1.01 -8.90
CA GLN A 608 -24.10 0.05 -7.86
C GLN A 608 -23.85 0.73 -6.52
N ASP A 609 -24.20 2.01 -6.40
CA ASP A 609 -24.22 2.64 -5.11
C ASP A 609 -25.17 1.86 -4.22
N PRO A 610 -24.86 1.77 -2.93
CA PRO A 610 -25.68 0.87 -2.08
C PRO A 610 -27.21 1.09 -2.13
N ALA A 611 -27.68 2.35 -2.07
CA ALA A 611 -29.13 2.62 -2.01
C ALA A 611 -29.86 2.35 -3.33
N SER A 612 -29.11 2.22 -4.44
CA SER A 612 -29.68 1.85 -5.75
C SER A 612 -30.32 0.45 -5.77
N PHE A 613 -29.94 -0.39 -4.82
CA PHE A 613 -30.52 -1.74 -4.73
C PHE A 613 -31.89 -1.80 -4.08
N GLY A 614 -32.36 -0.64 -3.66
CA GLY A 614 -33.66 -0.55 -3.01
C GLY A 614 -33.58 -0.15 -1.55
N ALA A 615 -34.50 0.74 -1.16
CA ALA A 615 -34.52 1.29 0.18
C ALA A 615 -34.63 0.24 1.25
N ASP A 616 -35.23 -0.90 0.93
CA ASP A 616 -35.45 -1.95 1.92
C ASP A 616 -34.75 -3.26 1.55
N SER A 617 -33.76 -3.17 0.66
CA SER A 617 -33.05 -4.36 0.16
C SER A 617 -32.13 -4.95 1.19
N LEU A 618 -31.88 -6.26 1.07
CA LEU A 618 -30.85 -6.93 1.85
C LEU A 618 -29.46 -6.29 1.69
N LEU A 619 -29.11 -5.86 0.47
CA LEU A 619 -27.80 -5.26 0.22
C LEU A 619 -27.67 -3.96 0.99
N LEU A 620 -28.69 -3.10 0.91
CA LEU A 620 -28.62 -1.82 1.59
C LEU A 620 -28.57 -2.06 3.10
N ASN A 621 -29.45 -2.91 3.60
CA ASN A 621 -29.48 -3.17 5.04
C ASN A 621 -28.14 -3.67 5.55
N SER A 622 -27.57 -4.62 4.84
CA SER A 622 -26.31 -5.20 5.29
C SER A 622 -25.13 -4.24 5.15
N SER A 623 -25.09 -3.52 4.03
CA SER A 623 -24.13 -2.46 3.87
C SER A 623 -24.14 -1.47 5.00
N ARG A 624 -25.32 -0.95 5.35
CA ARG A 624 -25.41 0.04 6.40
C ARG A 624 -24.96 -0.60 7.70
N HIS A 625 -25.34 -1.85 7.90
CA HIS A 625 -25.03 -2.55 9.14
C HIS A 625 -23.51 -2.65 9.37
N TYR A 626 -22.80 -3.13 8.34
CA TYR A 626 -21.36 -3.36 8.47
C TYR A 626 -20.59 -2.06 8.35
N LEU A 627 -21.11 -1.10 7.58
CA LEU A 627 -20.50 0.23 7.65
C LEU A 627 -20.67 0.85 9.03
N ASN A 628 -21.79 0.58 9.70
CA ASN A 628 -21.95 1.13 11.02
C ASN A 628 -20.96 0.48 12.00
N ILE A 629 -20.64 -0.80 11.77
CA ILE A 629 -19.58 -1.44 12.56
C ILE A 629 -18.21 -0.82 12.24
N ARG A 630 -17.91 -0.65 10.96
CA ARG A 630 -16.65 0.07 10.63
C ARG A 630 -16.53 1.38 11.36
N TYR A 631 -17.55 2.25 11.27
CA TYR A 631 -17.50 3.54 11.94
C TYR A 631 -17.36 3.45 13.46
N THR A 632 -18.05 2.49 14.06
CA THR A 632 -17.90 2.23 15.50
C THR A 632 -16.45 1.96 15.88
N LEU A 633 -15.74 1.23 15.02
CA LEU A 633 -14.35 0.84 15.29
C LEU A 633 -13.37 1.83 14.71
N LEU A 634 -13.84 2.98 14.27
CA LEU A 634 -12.89 3.95 13.77
C LEU A 634 -11.79 4.44 14.73
N PRO A 635 -12.08 4.60 16.05
CA PRO A 635 -10.99 4.96 16.94
C PRO A 635 -9.90 3.89 16.94
N TYR A 636 -10.26 2.61 16.87
CA TYR A 636 -9.29 1.54 16.74
C TYR A 636 -8.52 1.64 15.39
N LEU A 637 -9.23 1.66 14.29
CA LEU A 637 -8.58 1.86 12.96
C LEU A 637 -7.65 3.07 12.93
N TYR A 638 -8.09 4.21 13.45
CA TYR A 638 -7.27 5.43 13.51
C TYR A 638 -5.99 5.25 14.32
N THR A 639 -6.08 4.56 15.44
CA THR A 639 -4.92 4.31 16.25
C THR A 639 -3.97 3.36 15.48
N LEU A 640 -4.52 2.45 14.68
CA LEU A 640 -3.68 1.54 13.87
C LEU A 640 -2.94 2.40 12.82
N PHE A 641 -3.63 3.34 12.24
CA PHE A 641 -2.94 4.31 11.32
C PHE A 641 -1.91 5.15 12.04
N PHE A 642 -2.18 5.54 13.29
CA PHE A 642 -1.16 6.23 14.08
C PHE A 642 0.12 5.40 14.23
N ARG A 643 -0.04 4.12 14.50
CA ARG A 643 1.10 3.25 14.66
C ARG A 643 1.80 3.01 13.32
N ALA A 644 1.04 2.93 12.22
CA ALA A 644 1.71 2.82 10.89
C ALA A 644 2.56 4.07 10.64
N HIS A 645 1.97 5.23 10.89
CA HIS A 645 2.68 6.50 10.68
C HIS A 645 3.89 6.67 11.60
N SER A 646 3.78 6.27 12.86
CA SER A 646 4.78 6.63 13.85
C SER A 646 5.81 5.53 14.08
N ARG A 647 5.40 4.29 13.84
CA ARG A 647 6.24 3.16 14.16
C ARG A 647 6.52 2.30 12.93
N GLY A 648 5.58 2.30 12.00
CA GLY A 648 5.69 1.53 10.76
C GLY A 648 4.92 0.22 10.72
N ASP A 649 3.98 0.03 11.64
CA ASP A 649 3.12 -1.17 11.71
C ASP A 649 2.21 -1.28 10.47
N THR A 650 1.74 -2.49 10.11
CA THR A 650 0.71 -2.60 9.06
C THR A 650 -0.65 -2.28 9.73
N VAL A 651 -1.65 -2.01 8.89
CA VAL A 651 -3.02 -1.72 9.33
C VAL A 651 -3.89 -2.92 9.02
N ALA A 652 -4.17 -3.18 7.73
CA ALA A 652 -4.63 -4.49 7.23
C ALA A 652 -3.41 -5.45 7.25
N ARG A 653 -3.54 -6.52 7.99
CA ARG A 653 -2.38 -7.27 8.38
C ARG A 653 -2.65 -8.74 8.06
N PRO A 654 -1.62 -9.47 7.52
CA PRO A 654 -1.85 -10.92 7.33
C PRO A 654 -2.00 -11.64 8.64
N LEU A 655 -2.72 -12.75 8.65
CA LEU A 655 -2.76 -13.56 9.84
C LEU A 655 -1.39 -13.97 10.35
N LEU A 656 -0.51 -14.34 9.44
CA LEU A 656 0.82 -14.79 9.76
C LEU A 656 1.68 -13.73 10.45
N HIS A 657 1.36 -12.42 10.32
CA HIS A 657 2.13 -11.41 11.08
C HIS A 657 1.90 -11.51 12.60
N GLU A 658 0.74 -12.04 12.95
CA GLU A 658 0.43 -12.26 14.37
C GLU A 658 0.58 -13.71 14.79
N PHE A 659 0.45 -14.61 13.83
CA PHE A 659 0.34 -16.03 14.16
C PHE A 659 1.40 -16.85 13.41
N TYR A 660 2.60 -16.25 13.26
CA TYR A 660 3.72 -16.85 12.47
C TYR A 660 4.18 -18.18 13.06
N GLU A 661 3.92 -18.43 14.36
CA GLU A 661 4.24 -19.71 15.01
CA GLU A 661 4.31 -19.72 14.96
C GLU A 661 3.47 -20.87 14.41
N ASP A 662 2.37 -20.53 13.73
CA ASP A 662 1.43 -21.49 13.22
C ASP A 662 1.51 -21.53 11.72
N ASN A 663 2.17 -22.56 11.18
CA ASN A 663 2.33 -22.66 9.72
C ASN A 663 1.03 -22.73 8.89
N SER A 664 -0.11 -23.11 9.52
CA SER A 664 -1.40 -23.04 8.82
C SER A 664 -1.79 -21.59 8.41
N THR A 665 -1.13 -20.59 8.98
CA THR A 665 -1.44 -19.21 8.61
C THR A 665 -0.58 -18.64 7.46
N TRP A 666 0.47 -19.35 7.06
CA TRP A 666 1.49 -18.80 6.16
C TRP A 666 0.98 -18.57 4.75
N ASP A 667 -0.10 -19.25 4.39
CA ASP A 667 -0.65 -19.03 3.06
C ASP A 667 -2.06 -18.45 3.08
N VAL A 668 -2.56 -18.10 4.26
CA VAL A 668 -3.92 -17.56 4.39
C VAL A 668 -4.03 -16.19 3.73
N HIS A 669 -4.89 -16.09 2.70
CA HIS A 669 -5.11 -14.82 1.98
C HIS A 669 -6.61 -14.56 1.75
N GLN A 670 -7.47 -15.39 2.32
CA GLN A 670 -8.92 -15.24 2.22
C GLN A 670 -9.53 -14.62 3.49
N GLN A 671 -8.67 -14.33 4.46
CA GLN A 671 -9.01 -13.64 5.68
C GLN A 671 -7.87 -12.69 5.95
N PHE A 672 -8.14 -11.66 6.74
CA PHE A 672 -7.12 -10.78 7.26
C PHE A 672 -7.52 -10.16 8.59
N LEU A 673 -6.59 -9.43 9.21
CA LEU A 673 -6.83 -8.75 10.46
C LEU A 673 -6.85 -7.25 10.27
N TRP A 674 -7.64 -6.56 11.09
CA TRP A 674 -7.29 -5.17 11.37
C TRP A 674 -6.33 -5.15 12.53
N GLY A 675 -5.09 -4.69 12.32
CA GLY A 675 -4.10 -4.65 13.41
C GLY A 675 -3.98 -6.06 14.05
N PRO A 676 -3.76 -6.14 15.37
CA PRO A 676 -3.58 -7.47 15.99
C PRO A 676 -4.85 -8.21 16.37
N GLY A 677 -5.98 -7.51 16.45
CA GLY A 677 -7.10 -8.02 17.28
C GLY A 677 -8.43 -8.36 16.61
N LEU A 678 -8.63 -7.91 15.37
CA LEU A 678 -9.92 -8.13 14.67
C LEU A 678 -9.72 -8.99 13.43
N LEU A 679 -10.37 -10.15 13.42
CA LEU A 679 -10.25 -11.13 12.35
C LEU A 679 -11.47 -10.97 11.44
N ILE A 680 -11.22 -10.71 10.16
CA ILE A 680 -12.27 -10.55 9.17
C ILE A 680 -12.31 -11.78 8.27
N THR A 681 -13.49 -12.38 8.13
CA THR A 681 -13.66 -13.63 7.38
C THR A 681 -14.85 -13.49 6.47
N PRO A 682 -14.60 -13.01 5.24
CA PRO A 682 -15.62 -12.87 4.22
C PRO A 682 -16.03 -14.14 3.49
N VAL A 683 -17.27 -14.12 3.01
CA VAL A 683 -17.71 -15.07 2.00
C VAL A 683 -17.21 -14.58 0.65
N LEU A 684 -16.47 -15.43 -0.05
CA LEU A 684 -15.80 -15.01 -1.29
C LEU A 684 -16.22 -15.87 -2.49
N ASP A 685 -17.25 -16.71 -2.30
CA ASP A 685 -17.69 -17.64 -3.36
C ASP A 685 -19.17 -17.51 -3.70
N GLU A 686 -19.46 -17.46 -4.99
CA GLU A 686 -20.82 -17.36 -5.50
C GLU A 686 -21.71 -18.43 -4.91
N GLY A 687 -22.84 -18.00 -4.36
CA GLY A 687 -23.85 -18.94 -3.88
C GLY A 687 -23.61 -19.41 -2.47
N ALA A 688 -22.46 -19.05 -1.89
CA ALA A 688 -22.08 -19.55 -0.58
C ALA A 688 -22.76 -18.83 0.59
N GLU A 689 -23.12 -19.60 1.61
CA GLU A 689 -23.61 -19.08 2.90
C GLU A 689 -22.75 -19.69 4.04
N LYS A 690 -21.53 -20.03 3.65
CA LYS A 690 -20.51 -20.64 4.48
C LYS A 690 -19.19 -20.13 3.96
N VAL A 691 -18.17 -20.19 4.80
CA VAL A 691 -16.81 -20.03 4.33
C VAL A 691 -15.90 -20.97 5.11
N MET A 692 -15.01 -21.62 4.37
CA MET A 692 -13.93 -22.43 4.96
C MET A 692 -12.90 -21.40 5.42
N ALA A 693 -12.66 -21.37 6.72
CA ALA A 693 -11.82 -20.34 7.33
C ALA A 693 -10.83 -20.96 8.28
N TYR A 694 -9.73 -20.27 8.50
CA TYR A 694 -8.82 -20.65 9.56
C TYR A 694 -9.03 -19.81 10.84
N VAL A 695 -9.20 -20.49 11.97
CA VAL A 695 -9.26 -19.82 13.26
C VAL A 695 -7.89 -19.98 13.98
N PRO A 696 -7.12 -18.88 14.10
CA PRO A 696 -5.81 -18.95 14.75
C PRO A 696 -5.84 -19.34 16.24
N ASP A 697 -4.65 -19.59 16.76
CA ASP A 697 -4.36 -19.99 18.14
C ASP A 697 -4.56 -18.82 19.11
N ALA A 698 -5.83 -18.53 19.41
CA ALA A 698 -6.16 -17.46 20.34
C ALA A 698 -7.56 -17.73 20.79
N VAL A 699 -7.93 -17.06 21.85
CA VAL A 699 -9.34 -16.97 22.25
C VAL A 699 -10.03 -16.01 21.26
N TRP A 700 -11.17 -16.39 20.69
CA TRP A 700 -11.90 -15.45 19.80
C TRP A 700 -13.35 -15.27 20.24
N TYR A 701 -13.86 -14.07 20.06
CA TYR A 701 -15.25 -13.74 20.37
C TYR A 701 -15.97 -13.21 19.13
N ASP A 702 -17.17 -13.70 18.89
CA ASP A 702 -18.07 -13.11 17.89
C ASP A 702 -18.31 -11.61 18.18
N TYR A 703 -17.99 -10.76 17.19
CA TYR A 703 -18.05 -9.33 17.40
C TYR A 703 -19.46 -8.88 17.84
N GLU A 704 -20.49 -9.39 17.20
CA GLU A 704 -21.84 -8.89 17.46
C GLU A 704 -22.47 -9.39 18.75
N THR A 705 -22.34 -10.69 19.00
CA THR A 705 -22.92 -11.27 20.22
C THR A 705 -21.96 -11.21 21.39
N GLY A 706 -20.66 -11.17 21.11
CA GLY A 706 -19.66 -11.23 22.14
C GLY A 706 -19.41 -12.65 22.65
N SER A 707 -20.04 -13.65 22.07
CA SER A 707 -19.78 -14.99 22.63
C SER A 707 -18.46 -15.59 22.17
N GLN A 708 -17.81 -16.31 23.08
CA GLN A 708 -16.56 -16.97 22.78
C GLN A 708 -16.77 -18.16 21.84
N VAL A 709 -16.04 -18.21 20.73
CA VAL A 709 -16.20 -19.33 19.81
C VAL A 709 -15.53 -20.56 20.41
N ARG A 710 -16.00 -21.74 20.03
CA ARG A 710 -15.37 -22.97 20.51
C ARG A 710 -14.05 -23.20 19.74
N TRP A 711 -13.95 -22.68 18.52
CA TRP A 711 -12.78 -22.96 17.69
C TRP A 711 -11.48 -22.34 18.17
N ARG A 712 -10.36 -23.05 17.99
CA ARG A 712 -9.04 -22.48 18.25
C ARG A 712 -7.99 -23.24 17.46
N LYS A 713 -7.17 -22.51 16.71
CA LYS A 713 -6.09 -23.15 15.95
C LYS A 713 -6.60 -24.26 15.04
N GLN A 714 -7.55 -23.92 14.18
CA GLN A 714 -8.15 -24.97 13.36
C GLN A 714 -8.92 -24.39 12.21
N LYS A 715 -9.09 -25.23 11.20
CA LYS A 715 -9.89 -24.87 10.05
C LYS A 715 -11.32 -25.17 10.42
N VAL A 716 -12.24 -24.26 10.09
CA VAL A 716 -13.68 -24.44 10.34
C VAL A 716 -14.50 -24.04 9.11
N GLU A 717 -15.74 -24.52 9.02
CA GLU A 717 -16.67 -23.93 8.06
C GLU A 717 -17.54 -22.97 8.87
N MET A 718 -17.36 -21.68 8.63
CA MET A 718 -18.07 -20.69 9.40
C MET A 718 -19.39 -20.43 8.71
N GLU A 719 -20.49 -20.41 9.44
CA GLU A 719 -21.80 -20.24 8.79
C GLU A 719 -22.03 -18.75 8.59
N LEU A 720 -22.13 -18.33 7.34
CA LEU A 720 -22.26 -16.90 7.06
C LEU A 720 -23.33 -16.67 6.01
N PRO A 721 -24.59 -16.55 6.46
CA PRO A 721 -25.74 -16.33 5.54
C PRO A 721 -25.60 -14.99 4.80
N GLY A 722 -26.46 -14.71 3.84
CA GLY A 722 -26.28 -13.54 2.95
C GLY A 722 -26.13 -12.18 3.61
N ASP A 723 -26.54 -12.07 4.87
CA ASP A 723 -26.44 -10.83 5.64
C ASP A 723 -25.22 -10.75 6.58
N LYS A 724 -24.31 -11.72 6.51
CA LYS A 724 -23.18 -11.79 7.46
C LYS A 724 -21.81 -11.87 6.83
N ILE A 725 -20.84 -11.29 7.53
CA ILE A 725 -19.44 -11.57 7.33
C ILE A 725 -18.85 -11.89 8.66
N GLY A 726 -17.87 -12.76 8.70
CA GLY A 726 -17.23 -13.11 9.97
C GLY A 726 -16.40 -11.97 10.53
N LEU A 727 -16.64 -11.64 11.80
CA LEU A 727 -15.84 -10.65 12.51
C LEU A 727 -15.64 -11.20 13.87
N HIS A 728 -14.37 -11.38 14.29
CA HIS A 728 -14.08 -11.91 15.63
C HIS A 728 -13.03 -11.09 16.30
N LEU A 729 -13.24 -10.90 17.60
CA LEU A 729 -12.30 -10.17 18.42
C LEU A 729 -11.35 -11.11 19.15
N ARG A 730 -10.07 -10.76 19.11
CA ARG A 730 -9.01 -11.53 19.75
C ARG A 730 -8.91 -11.32 21.25
N GLY A 731 -8.99 -12.42 22.00
CA GLY A 731 -8.72 -12.34 23.42
C GLY A 731 -7.35 -11.76 23.71
N GLY A 732 -7.32 -10.80 24.63
CA GLY A 732 -6.06 -10.20 25.10
C GLY A 732 -5.96 -8.76 24.61
N TYR A 733 -7.00 -8.34 23.92
CA TYR A 733 -7.05 -7.00 23.32
C TYR A 733 -8.24 -6.15 23.76
N ILE A 734 -8.01 -4.83 23.86
CA ILE A 734 -9.03 -3.86 24.25
C ILE A 734 -9.20 -2.92 23.11
N PHE A 735 -10.44 -2.78 22.64
CA PHE A 735 -10.78 -2.05 21.41
C PHE A 735 -11.56 -0.81 21.80
N PRO A 736 -11.01 0.37 21.47
CA PRO A 736 -11.76 1.61 21.62
C PRO A 736 -12.78 1.79 20.49
N THR A 737 -13.99 2.21 20.89
CA THR A 737 -15.10 2.36 19.96
C THR A 737 -15.72 3.75 20.17
N GLN A 738 -16.52 4.20 19.22
CA GLN A 738 -17.26 5.46 19.33
C GLN A 738 -18.57 5.29 18.59
N GLN A 739 -19.69 5.65 19.23
CA GLN A 739 -20.99 5.49 18.66
C GLN A 739 -20.96 6.09 17.25
N PRO A 740 -21.42 5.31 16.28
CA PRO A 740 -21.31 5.75 14.88
C PRO A 740 -22.38 6.82 14.51
N ASN A 741 -22.09 7.54 13.45
CA ASN A 741 -23.05 8.48 12.89
CA ASN A 741 -23.07 8.45 12.87
C ASN A 741 -22.77 8.35 11.38
N THR A 742 -23.57 8.98 10.56
CA THR A 742 -23.38 8.83 9.11
C THR A 742 -22.18 9.59 8.53
N THR A 743 -21.52 10.42 9.32
CA THR A 743 -20.27 11.05 8.93
C THR A 743 -19.33 11.06 10.11
N THR A 744 -18.03 11.12 9.85
CA THR A 744 -17.05 11.20 10.93
C THR A 744 -17.03 12.59 11.60
N LEU A 745 -17.38 13.65 10.87
CA LEU A 745 -17.51 14.97 11.49
C LEU A 745 -18.38 14.84 12.74
N ALA A 746 -19.52 14.20 12.56
CA ALA A 746 -20.47 13.94 13.63
C ALA A 746 -20.07 12.81 14.57
N SER A 747 -19.57 11.67 14.07
CA SER A 747 -19.33 10.50 14.97
C SER A 747 -18.24 10.84 16.01
N ARG A 748 -17.29 11.70 15.64
CA ARG A 748 -16.19 12.10 16.53
C ARG A 748 -16.65 12.86 17.78
N LYS A 749 -17.89 13.35 17.79
CA LYS A 749 -18.49 14.04 18.95
C LYS A 749 -19.26 13.06 19.85
N ASN A 750 -19.31 11.80 19.46
CA ASN A 750 -20.16 10.82 20.20
C ASN A 750 -19.46 10.15 21.40
N PRO A 751 -20.25 9.57 22.31
CA PRO A 751 -19.72 8.79 23.42
C PRO A 751 -18.80 7.64 22.94
N LEU A 752 -17.72 7.39 23.69
CA LEU A 752 -16.81 6.30 23.36
C LEU A 752 -17.15 5.07 24.18
N GLY A 753 -16.55 3.94 23.82
CA GLY A 753 -16.74 2.69 24.54
C GLY A 753 -15.43 1.95 24.51
N LEU A 754 -15.32 0.92 25.35
CA LEU A 754 -14.23 0.00 25.29
C LEU A 754 -14.82 -1.39 25.13
N ILE A 755 -14.21 -2.19 24.26
CA ILE A 755 -14.50 -3.66 24.26
C ILE A 755 -13.23 -4.36 24.79
N ILE A 756 -13.39 -5.05 25.91
CA ILE A 756 -12.29 -5.76 26.54
C ILE A 756 -12.51 -7.24 26.21
N ALA A 757 -11.69 -7.82 25.34
CA ALA A 757 -11.81 -9.24 25.00
C ALA A 757 -10.78 -9.96 25.87
N LEU A 758 -11.22 -10.66 26.90
CA LEU A 758 -10.29 -11.27 27.84
C LEU A 758 -9.55 -12.51 27.25
N ASP A 759 -8.24 -12.64 27.53
CA ASP A 759 -7.51 -13.84 27.10
C ASP A 759 -7.72 -14.95 28.16
N GLU A 760 -7.01 -16.06 28.03
CA GLU A 760 -7.19 -17.24 28.92
C GLU A 760 -6.81 -16.91 30.35
N ASN A 761 -5.94 -15.91 30.51
CA ASN A 761 -5.58 -15.43 31.85
C ASN A 761 -6.43 -14.29 32.35
N LYS A 762 -7.50 -13.99 31.61
CA LYS A 762 -8.45 -12.92 31.93
CA LYS A 762 -8.45 -12.93 32.02
C LYS A 762 -7.74 -11.58 32.02
N GLU A 763 -6.85 -11.38 31.04
CA GLU A 763 -6.09 -10.14 30.90
C GLU A 763 -6.26 -9.59 29.49
N ALA A 764 -5.94 -8.31 29.29
CA ALA A 764 -6.11 -7.72 27.97
C ALA A 764 -5.42 -6.39 27.98
N LYS A 765 -5.04 -5.90 26.80
CA LYS A 765 -4.30 -4.63 26.77
C LYS A 765 -4.77 -3.92 25.53
N GLY A 766 -4.74 -2.58 25.51
CA GLY A 766 -5.09 -1.90 24.29
C GLY A 766 -4.55 -0.47 24.40
N GLU A 767 -4.81 0.32 23.39
CA GLU A 767 -4.46 1.73 23.44
C GLU A 767 -5.41 2.54 22.57
N LEU A 768 -5.33 3.87 22.71
CA LEU A 768 -6.14 4.78 21.93
C LEU A 768 -5.32 6.05 21.66
N PHE A 769 -5.15 6.35 20.39
CA PHE A 769 -4.57 7.64 19.97
C PHE A 769 -5.70 8.61 19.64
N TRP A 770 -5.59 9.88 20.05
CA TRP A 770 -6.65 10.83 19.74
C TRP A 770 -6.03 12.21 19.53
N ASP A 771 -6.30 12.79 18.38
CA ASP A 771 -5.87 14.16 18.10
C ASP A 771 -7.02 14.84 17.37
N ASP A 772 -6.78 15.98 16.72
CA ASP A 772 -7.88 16.70 16.13
C ASP A 772 -8.35 16.11 14.80
N GLY A 773 -7.66 15.07 14.28
CA GLY A 773 -8.19 14.31 13.14
C GLY A 773 -7.87 14.98 11.79
N GLU A 774 -7.18 16.12 11.82
CA GLU A 774 -6.96 16.80 10.55
C GLU A 774 -5.74 17.70 10.40
N THR A 775 -5.18 18.17 11.51
CA THR A 775 -3.99 19.03 11.46
C THR A 775 -2.76 18.25 11.03
N LYS A 776 -1.96 18.85 10.14
CA LYS A 776 -0.71 18.20 9.69
C LYS A 776 0.35 18.31 10.81
N ASP A 777 1.13 17.25 11.01
CA ASP A 777 2.24 17.29 12.00
C ASP A 777 1.84 17.23 13.51
N THR A 778 0.62 16.80 13.82
CA THR A 778 0.24 16.70 15.22
C THR A 778 1.10 15.66 15.92
N VAL A 779 1.62 14.68 15.18
CA VAL A 779 2.42 13.64 15.81
C VAL A 779 3.84 14.17 16.03
N ALA A 780 4.44 14.73 14.97
CA ALA A 780 5.75 15.36 15.08
C ALA A 780 5.77 16.50 16.08
N ASN A 781 4.72 17.30 16.14
CA ASN A 781 4.64 18.38 17.10
C ASN A 781 4.07 17.94 18.46
N LYS A 782 3.80 16.65 18.59
CA LYS A 782 3.27 16.11 19.85
C LYS A 782 2.07 16.86 20.44
N VAL A 783 1.03 17.01 19.63
CA VAL A 783 -0.26 17.55 20.06
C VAL A 783 -1.23 16.38 19.93
N TYR A 784 -1.23 15.50 20.91
CA TYR A 784 -2.17 14.38 20.87
C TYR A 784 -2.31 13.75 22.20
N LEU A 785 -3.31 12.89 22.31
CA LEU A 785 -3.56 12.08 23.51
C LEU A 785 -3.19 10.66 23.14
N LEU A 786 -2.38 10.00 23.95
CA LEU A 786 -2.24 8.54 23.79
C LEU A 786 -2.55 7.92 25.14
N CYS A 787 -3.54 7.06 25.22
CA CYS A 787 -3.74 6.33 26.47
C CYS A 787 -3.64 4.84 26.26
N GLU A 788 -3.43 4.15 27.38
CA GLU A 788 -3.18 2.72 27.40
C GLU A 788 -4.21 2.12 28.33
N PHE A 789 -4.77 1.00 27.93
CA PHE A 789 -5.74 0.27 28.73
C PHE A 789 -5.10 -1.03 29.08
N SER A 790 -5.27 -1.48 30.32
CA SER A 790 -4.90 -2.86 30.67
C SER A 790 -5.82 -3.45 31.72
N VAL A 791 -6.05 -4.75 31.62
CA VAL A 791 -6.89 -5.46 32.54
C VAL A 791 -6.05 -6.63 33.02
N THR A 792 -5.91 -6.76 34.34
CA THR A 792 -5.28 -7.95 34.90
C THR A 792 -6.01 -8.11 36.17
N GLN A 793 -6.55 -9.32 36.30
CA GLN A 793 -7.65 -9.73 37.20
C GLN A 793 -8.33 -8.66 38.08
N ASN A 794 -9.64 -8.52 37.85
CA ASN A 794 -10.47 -7.66 38.68
C ASN A 794 -10.21 -6.18 38.44
N ARG A 795 -9.39 -5.81 37.46
CA ARG A 795 -8.96 -4.40 37.39
C ARG A 795 -8.65 -3.88 35.96
N LEU A 796 -9.38 -2.85 35.52
CA LEU A 796 -9.03 -2.11 34.29
C LEU A 796 -8.32 -0.87 34.73
N GLU A 797 -7.17 -0.59 34.14
CA GLU A 797 -6.48 0.66 34.35
C GLU A 797 -6.47 1.42 33.04
N VAL A 798 -6.80 2.71 33.12
CA VAL A 798 -6.68 3.65 31.98
C VAL A 798 -5.53 4.60 32.35
N ASN A 799 -4.45 4.54 31.57
CA ASN A 799 -3.18 5.19 31.84
C ASN A 799 -2.88 6.17 30.71
N ILE A 800 -2.46 7.38 31.03
CA ILE A 800 -2.21 8.38 30.00
C ILE A 800 -0.71 8.50 29.78
N SER A 801 -0.26 8.23 28.56
CA SER A 801 1.14 8.36 28.31
C SER A 801 1.48 9.69 27.61
N GLN A 802 0.57 10.25 26.84
CA GLN A 802 0.82 11.58 26.24
C GLN A 802 -0.49 12.30 26.36
N SER A 803 -0.40 13.57 26.71
CA SER A 803 -1.58 14.28 27.10
C SER A 803 -1.55 15.73 26.62
N THR A 804 -1.24 15.95 25.36
CA THR A 804 -1.12 17.32 24.89
C THR A 804 -2.25 17.75 23.97
N TYR A 805 -3.33 16.99 23.92
CA TYR A 805 -4.49 17.43 23.19
C TYR A 805 -5.72 17.05 23.97
N LYS A 806 -6.59 18.03 24.22
CA LYS A 806 -7.84 17.72 24.87
C LYS A 806 -8.95 18.12 23.92
N ASP A 807 -9.72 17.11 23.50
CA ASP A 807 -10.84 17.30 22.60
C ASP A 807 -11.93 18.15 23.25
N PRO A 808 -12.38 19.21 22.56
CA PRO A 808 -13.35 20.11 23.21
C PRO A 808 -14.77 19.58 23.29
N ASN A 809 -15.05 18.41 22.72
CA ASN A 809 -16.39 17.85 22.75
C ASN A 809 -16.79 17.04 23.99
N ASN A 810 -16.09 17.20 25.10
CA ASN A 810 -16.51 16.48 26.34
C ASN A 810 -16.59 14.95 26.13
N LEU A 811 -15.57 14.36 25.51
CA LEU A 811 -15.67 12.94 25.13
C LEU A 811 -15.40 12.09 26.34
N ALA A 812 -16.14 10.98 26.45
CA ALA A 812 -15.87 10.11 27.56
C ALA A 812 -16.29 8.70 27.19
N PHE A 813 -15.68 7.73 27.85
CA PHE A 813 -16.10 6.35 27.73
C PHE A 813 -17.34 6.21 28.58
N ASN A 814 -18.46 5.89 27.94
CA ASN A 814 -19.67 5.72 28.70
C ASN A 814 -20.15 4.28 28.70
N GLU A 815 -19.36 3.38 28.11
CA GLU A 815 -19.74 1.96 28.10
C GLU A 815 -18.47 1.13 28.03
N ILE A 816 -18.42 0.10 28.88
CA ILE A 816 -17.32 -0.87 28.83
C ILE A 816 -17.97 -2.25 28.67
N LYS A 817 -17.60 -2.97 27.61
CA LYS A 817 -18.11 -4.30 27.39
C LYS A 817 -16.97 -5.29 27.63
N ILE A 818 -17.19 -6.25 28.53
CA ILE A 818 -16.15 -7.23 28.88
C ILE A 818 -16.59 -8.58 28.38
N LEU A 819 -15.75 -9.23 27.57
CA LEU A 819 -16.08 -10.52 26.95
C LEU A 819 -15.28 -11.61 27.71
N GLY A 820 -15.90 -12.76 27.91
CA GLY A 820 -15.21 -13.92 28.50
C GLY A 820 -15.04 -13.75 30.00
N THR A 821 -16.01 -13.09 30.63
CA THR A 821 -15.95 -12.88 32.07
C THR A 821 -17.05 -13.59 32.87
N GLU A 822 -16.71 -13.97 34.10
CA GLU A 822 -17.68 -14.38 35.09
C GLU A 822 -18.39 -13.09 35.55
N GLU A 823 -19.55 -13.23 36.19
CA GLU A 823 -20.29 -12.04 36.65
C GLU A 823 -19.45 -11.11 37.53
N PRO A 824 -19.22 -9.86 37.08
CA PRO A 824 -18.59 -8.91 37.99
C PRO A 824 -19.56 -8.42 39.07
N SER A 825 -19.01 -8.11 40.24
CA SER A 825 -19.81 -7.59 41.32
C SER A 825 -18.99 -6.50 41.95
N ASN A 826 -19.66 -5.59 42.67
CA ASN A 826 -19.01 -4.47 43.37
C ASN A 826 -18.11 -3.65 42.46
N VAL A 827 -18.62 -3.23 41.32
CA VAL A 827 -17.81 -2.45 40.37
C VAL A 827 -17.58 -1.05 40.91
N THR A 828 -16.31 -0.69 41.01
CA THR A 828 -15.89 0.57 41.60
C THR A 828 -15.05 1.33 40.57
N VAL A 829 -15.20 2.65 40.57
CA VAL A 829 -14.44 3.48 39.64
C VAL A 829 -13.65 4.47 40.46
N LYS A 830 -12.33 4.52 40.24
CA LYS A 830 -11.48 5.48 40.91
C LYS A 830 -10.87 6.42 39.87
N HIS A 831 -10.77 7.69 40.23
CA HIS A 831 -10.17 8.71 39.37
C HIS A 831 -8.93 9.19 40.07
N ASN A 832 -7.78 9.10 39.38
CA ASN A 832 -6.46 9.38 39.95
C ASN A 832 -6.25 8.74 41.31
N GLY A 833 -6.86 7.57 41.53
CA GLY A 833 -6.76 6.87 42.81
C GLY A 833 -7.90 7.11 43.76
N VAL A 834 -8.78 8.06 43.43
CA VAL A 834 -9.85 8.53 44.31
C VAL A 834 -11.23 8.05 43.82
N PRO A 835 -11.96 7.29 44.67
CA PRO A 835 -13.37 7.06 44.34
C PRO A 835 -14.13 8.27 44.85
N SER A 836 -15.10 8.83 44.12
CA SER A 836 -15.80 8.26 42.96
C SER A 836 -16.51 6.97 43.28
N THR A 838 -20.61 7.31 43.00
CA THR A 838 -20.84 6.66 41.71
C THR A 838 -20.69 5.14 41.82
N SER A 839 -21.75 4.40 41.53
CA SER A 839 -21.67 2.96 41.30
C SER A 839 -22.27 2.76 39.91
N PRO A 840 -21.47 2.25 38.95
CA PRO A 840 -22.02 2.13 37.60
C PRO A 840 -23.07 1.06 37.48
N THR A 841 -23.82 1.08 36.38
CA THR A 841 -24.78 0.02 36.08
C THR A 841 -24.05 -1.14 35.41
N VAL A 842 -24.30 -2.38 35.88
CA VAL A 842 -23.71 -3.56 35.26
C VAL A 842 -24.81 -4.50 34.78
N THR A 843 -24.77 -4.85 33.49
CA THR A 843 -25.65 -5.85 32.94
C THR A 843 -24.84 -7.10 32.64
N TYR A 844 -25.36 -8.27 32.98
CA TYR A 844 -24.61 -9.46 32.76
C TYR A 844 -25.42 -10.52 32.03
N ASP A 845 -24.77 -11.17 31.08
CA ASP A 845 -25.33 -12.26 30.34
C ASP A 845 -24.58 -13.52 30.75
N SER A 846 -25.19 -14.38 31.56
CA SER A 846 -24.46 -15.53 32.09
C SER A 846 -24.25 -16.65 31.07
N ASN A 847 -25.12 -16.72 30.07
CA ASN A 847 -24.99 -17.66 28.96
C ASN A 847 -23.81 -17.29 28.04
N LEU A 848 -23.68 -16.02 27.70
CA LEU A 848 -22.63 -15.55 26.78
C LEU A 848 -21.32 -15.18 27.50
N LYS A 849 -21.37 -15.05 28.82
CA LYS A 849 -20.27 -14.56 29.65
C LYS A 849 -19.82 -13.13 29.22
N VAL A 850 -20.81 -12.25 29.04
CA VAL A 850 -20.59 -10.86 28.69
C VAL A 850 -21.17 -9.94 29.75
N ALA A 851 -20.36 -8.97 30.18
CA ALA A 851 -20.79 -7.93 31.11
C ALA A 851 -20.73 -6.61 30.34
N ILE A 852 -21.72 -5.75 30.56
CA ILE A 852 -21.62 -4.39 30.02
C ILE A 852 -21.76 -3.43 31.17
N ILE A 853 -20.80 -2.53 31.30
CA ILE A 853 -20.81 -1.56 32.37
C ILE A 853 -21.26 -0.27 31.74
N THR A 854 -22.25 0.34 32.37
CA THR A 854 -22.83 1.55 31.81
C THR A 854 -23.09 2.53 32.97
N ASP A 855 -23.66 3.69 32.67
CA ASP A 855 -23.85 4.77 33.63
C ASP A 855 -22.47 5.15 34.22
N ILE A 856 -21.54 5.36 33.30
CA ILE A 856 -20.18 5.61 33.66
C ILE A 856 -19.76 6.76 32.75
N ASP A 857 -18.81 7.56 33.20
CA ASP A 857 -18.35 8.69 32.40
C ASP A 857 -16.86 8.86 32.63
N LEU A 858 -16.03 8.11 31.91
CA LEU A 858 -14.59 8.18 32.10
C LEU A 858 -14.02 9.13 31.08
N LEU A 859 -13.69 10.34 31.52
CA LEU A 859 -13.31 11.36 30.56
C LEU A 859 -12.06 10.97 29.80
N LEU A 860 -12.13 11.10 28.49
CA LEU A 860 -10.97 10.90 27.64
C LEU A 860 -9.82 11.81 28.10
N GLY A 861 -8.65 11.23 28.31
CA GLY A 861 -7.53 12.02 28.76
C GLY A 861 -7.29 11.97 30.25
N GLU A 862 -8.11 11.25 31.00
CA GLU A 862 -7.96 11.19 32.45
C GLU A 862 -7.66 9.74 32.83
N ALA A 863 -6.93 9.55 33.92
CA ALA A 863 -6.54 8.23 34.41
C ALA A 863 -7.60 7.69 35.35
N TYR A 864 -7.92 6.41 35.19
CA TYR A 864 -8.98 5.79 35.97
C TYR A 864 -8.57 4.37 36.28
N THR A 865 -9.14 3.83 37.36
CA THR A 865 -9.09 2.41 37.64
C THR A 865 -10.54 1.94 37.78
N VAL A 866 -10.92 0.85 37.14
CA VAL A 866 -12.24 0.29 37.36
C VAL A 866 -11.96 -1.09 37.92
N GLU A 867 -12.54 -1.40 39.08
CA GLU A 867 -12.23 -2.65 39.77
C GLU A 867 -13.51 -3.41 40.05
N TRP A 868 -13.44 -4.72 40.04
CA TRP A 868 -14.60 -5.53 40.37
C TRP A 868 -14.18 -6.80 41.10
N ALA A 869 -15.16 -7.44 41.71
CA ALA A 869 -14.96 -8.74 42.34
C ALA A 869 -15.78 -9.75 41.55
N HIS A 870 -15.66 -11.02 41.93
CA HIS A 870 -16.44 -12.07 41.30
C HIS A 870 -17.33 -12.79 42.33
C1 NAG B . 11.85 21.70 -21.82
C2 NAG B . 13.02 21.86 -20.83
C3 NAG B . 13.10 23.27 -20.24
C4 NAG B . 13.13 24.34 -21.34
C5 NAG B . 12.01 24.03 -22.32
C6 NAG B . 12.11 24.99 -23.51
C7 NAG B . 13.83 19.96 -19.58
C8 NAG B . 13.57 18.93 -18.50
N2 NAG B . 12.90 20.88 -19.76
O3 NAG B . 14.24 23.37 -19.45
O4 NAG B . 12.87 25.64 -20.82
O5 NAG B . 12.04 22.71 -22.81
O6 NAG B . 10.99 24.79 -24.34
O7 NAG B . 14.86 19.92 -20.24
C1 NAG B . 14.04 26.32 -20.30
C2 NAG B . 14.24 27.66 -21.02
C3 NAG B . 15.27 28.58 -20.37
C4 NAG B . 15.07 28.65 -18.87
C5 NAG B . 14.99 27.23 -18.31
C6 NAG B . 14.81 27.20 -16.80
C7 NAG B . 13.98 28.00 -23.39
C8 NAG B . 14.44 27.63 -24.78
N2 NAG B . 14.64 27.44 -22.38
O3 NAG B . 15.14 29.86 -20.96
O4 NAG B . 16.13 29.39 -18.26
O5 NAG B . 13.89 26.53 -18.91
O6 NAG B . 13.45 27.42 -16.54
O7 NAG B . 13.04 28.79 -23.22
C1 GLC C . -9.60 -6.66 -20.84
C2 GLC C . -9.16 -5.95 -22.15
C3 GLC C . -9.23 -4.42 -22.07
C4 GLC C . -10.54 -3.91 -21.45
C5 GLC C . -10.73 -4.61 -20.09
C6 GLC C . -11.99 -4.17 -19.33
O1 GLC C . -8.52 -6.76 -19.90
O2 GLC C . -7.82 -6.30 -22.53
O3 GLC C . -9.01 -3.83 -23.36
O4 GLC C . -10.34 -2.49 -21.34
O5 GLC C . -10.75 -6.04 -20.21
O6 GLC C . -12.04 -4.89 -18.07
C1 GLC C . -11.42 -1.62 -21.72
C2 GLC C . -10.88 -0.52 -22.65
C3 GLC C . -9.97 0.45 -21.90
C4 GLC C . -10.57 0.97 -20.59
C5 GLC C . -11.10 -0.21 -19.76
C6 GLC C . -11.84 0.24 -18.51
O2 GLC C . -10.07 -1.14 -23.64
O3 GLC C . -9.63 1.57 -22.74
O4 GLC C . -9.54 1.67 -19.87
O5 GLC C . -11.98 -1.01 -20.56
O6 GLC C . -12.42 -0.90 -17.84
C1 AC1 C . -9.48 3.09 -20.07
O2 AC1 C . -7.10 2.94 -19.86
C2 AC1 C . -8.24 3.65 -19.39
C4A AC1 C . -11.47 6.68 -13.49
C3 AC1 C . -8.34 3.47 -17.87
O3 AC1 C . -7.20 4.01 -17.22
C4 AC1 C . -9.58 4.21 -17.33
N4A AC1 C . -9.64 4.21 -15.86
C5 AC1 C . -10.81 3.64 -18.07
O5 AC1 C . -10.62 3.73 -19.50
C6 AC1 C . -12.10 4.38 -17.71
C1B AC1 C . -9.28 5.47 -15.15
C2B AC1 C . -9.36 5.40 -13.61
O2B AC1 C . -8.69 4.25 -13.12
C3B AC1 C . -10.83 5.35 -13.17
O3B AC1 C . -11.06 4.97 -11.76
O4 AC1 C . -12.89 6.55 -13.36
C5B AC1 C . -11.15 7.12 -14.91
C7B AC1 C . -10.09 6.68 -15.61
C6B AC1 C . -12.07 8.15 -15.50
O6B AC1 C . -11.51 9.38 -15.01
C1 NAG D . -25.31 12.70 14.07
C1 NAG D . -26.10 11.39 12.31
C2 NAG D . -25.64 13.26 15.45
C2 NAG D . -27.57 11.10 12.03
C3 NAG D . -26.80 14.29 15.34
C3 NAG D . -28.16 12.36 11.43
C4 NAG D . -26.55 15.33 14.24
C4 NAG D . -28.19 13.36 12.57
C5 NAG D . -26.10 14.66 12.93
C5 NAG D . -26.80 13.61 13.15
C6 NAG D . -25.73 15.70 11.87
C6 NAG D . -27.00 14.17 14.55
C7 NAG D . -25.47 11.30 17.10
C7 NAG D . -28.24 8.78 11.57
C8 NAG D . -25.08 9.99 16.46
C8 NAG D . -27.44 8.17 12.68
N2 NAG D . -26.11 12.19 16.32
N2 NAG D . -27.84 9.98 11.15
O3 NAG D . -27.04 14.94 16.57
O3 NAG D . -29.46 12.08 11.02
O4 NAG D . -27.72 16.08 13.96
O4 NAG D . -28.80 14.58 12.18
O5 NAG D . -24.99 13.82 13.23
O5 NAG D . -25.95 12.46 13.24
O6 NAG D . -25.91 15.11 10.61
O6 NAG D . -26.54 15.50 14.60
O7 NAG D . -25.29 11.49 18.30
O7 NAG D . -29.21 8.18 11.08
C1 NAG E . -5.83 -11.67 -20.33
C2 NAG E . -7.28 -11.87 -19.84
C3 NAG E . -8.30 -11.82 -21.00
C4 NAG E . -8.04 -10.67 -21.99
C5 NAG E . -6.60 -10.79 -22.48
C6 NAG E . -6.22 -9.72 -23.50
C7 NAG E . -7.56 -13.26 -17.78
C8 NAG E . -7.48 -14.66 -17.23
N2 NAG E . -7.40 -13.13 -19.09
O3 NAG E . -9.59 -11.68 -20.47
O4 NAG E . -8.98 -10.69 -23.07
O5 NAG E . -5.79 -10.66 -21.32
O6 NAG E . -4.98 -10.06 -24.13
O7 NAG E . -7.75 -12.33 -16.99
C1 GOL F . 19.56 8.13 6.71
O1 GOL F . 20.57 8.99 7.18
C2 GOL F . 20.21 7.10 5.80
O2 GOL F . 20.84 6.12 6.61
C3 GOL F . 19.14 6.49 4.89
O3 GOL F . 18.20 7.50 4.52
C1 GOL G . -4.28 9.19 3.01
O1 GOL G . -3.81 10.50 3.23
C2 GOL G . -3.09 8.22 3.09
O2 GOL G . -1.91 8.87 2.62
C3 GOL G . -2.86 7.81 4.55
O3 GOL G . -1.76 6.93 4.63
C1 GOL H . -29.97 8.01 -10.84
O1 GOL H . -30.70 6.81 -10.66
C2 GOL H . -28.54 7.68 -11.19
O2 GOL H . -28.55 6.63 -12.12
C3 GOL H . -27.91 8.92 -11.84
O3 GOL H . -26.50 8.74 -11.98
C1 GOL I . 1.20 14.15 10.04
O1 GOL I . -0.10 14.48 9.58
C2 GOL I . 1.35 14.37 11.55
O2 GOL I . 0.14 14.05 12.19
C3 GOL I . 2.53 13.57 12.14
O3 GOL I . 3.80 14.09 11.86
C1 GOL J . -10.57 19.02 5.46
O1 GOL J . -9.88 18.24 6.41
C2 GOL J . -9.49 19.76 4.66
O2 GOL J . -9.06 18.93 3.60
C3 GOL J . -10.00 21.12 4.21
O3 GOL J . -10.96 20.97 3.18
C1 GOL K . 34.08 -9.67 4.04
O1 GOL K . 33.86 -11.07 4.06
C2 GOL K . 33.25 -8.91 5.08
O2 GOL K . 33.57 -9.31 6.39
C3 GOL K . 33.65 -7.46 5.00
O3 GOL K . 34.96 -7.29 5.50
C1 GOL L . -28.17 -17.02 -1.02
O1 GOL L . -27.67 -18.33 -0.86
C2 GOL L . -27.05 -16.12 -1.51
O2 GOL L . -27.60 -14.94 -2.05
C3 GOL L . -26.21 -15.76 -0.30
O3 GOL L . -25.66 -14.47 -0.51
C1 GOL M . -19.35 -12.56 13.22
O1 GOL M . -19.61 -13.26 12.04
C2 GOL M . -20.41 -11.47 13.38
O2 GOL M . -20.30 -10.94 14.68
C3 GOL M . -20.21 -10.34 12.38
O3 GOL M . -21.47 -9.86 11.97
C1 GOL N . -30.34 -13.18 4.74
O1 GOL N . -31.43 -12.62 5.45
C2 GOL N . -30.68 -14.60 4.30
O2 GOL N . -29.64 -15.15 3.52
C3 GOL N . -30.91 -15.47 5.54
O3 GOL N . -30.76 -16.83 5.21
S SO4 O . 26.72 -6.96 21.41
O1 SO4 O . 27.21 -5.59 21.51
O2 SO4 O . 25.90 -7.38 22.53
O3 SO4 O . 25.97 -7.04 20.17
O4 SO4 O . 27.82 -7.89 21.23
#